data_1JEE
#
_entry.id   1JEE
#
_cell.length_a   185.940
_cell.length_b   185.940
_cell.length_c   223.812
_cell.angle_alpha   90.00
_cell.angle_beta   90.00
_cell.angle_gamma   120.00
#
_symmetry.space_group_name_H-M   'H 3 2'
#
loop_
_entity.id
_entity.type
_entity.pdbx_description
1 polymer 'SULFATE ADENYLYLTRANSFERASE'
2 non-polymer 'CADMIUM ION'
3 non-polymer 'CALCIUM ION'
4 non-polymer 'SODIUM ION'
5 non-polymer 'MAGNESIUM ION'
6 non-polymer 'CHLORATE ION'
7 non-polymer 'PYROPHOSPHATE 2-'
8 non-polymer 2-AMINO-2-HYDROXYMETHYL-PROPANE-1,3-DIOL
9 non-polymer 'ACETIC ACID'
10 non-polymer "ADENOSINE-5'-PHOSPHOSULFATE"
11 water water
#
_entity_poly.entity_id   1
_entity_poly.type   'polypeptide(L)'
_entity_poly.pdbx_seq_one_letter_code
;PAPHGGILQDLIARDALKKNELLSEAQSSDILVWNLTPRQLCDIELILNGGFSPLTGFLNENDYSSVVTDSRLADGTLWT
IPITLDVDEAFANQIKPDTRIALFQDDEIPIAILTVQDVYKPNKTIEAEKVFRGDPEHPAISYLFNVAGDYYVGGSLEAI
QLPQHYDYPGLRKTPAQLRLEFQSRQWDRVVAFQTRNPMHRAHRELTVRAAREANAKVLIHPVVGLTKPGDIDHHTRVRV
YQEIIKRYPNGIAFLSLLPLAMRMSGDREAVWHAIIRKNYGASHFIVGRDHAGPGKNSKGVDFYGPYDAQELVESYKHEL
DIEVVPFRMVTYLPDEDRYAPIDQIDTTKTRTLNISGTELRRRLRVGGEIPEWFSYPEVVKILRESNPPRPKQGFSIVLG
NSLTVSREQLSIALLSTFLQFGGGRYYKIFEHNNKTELLSLIQDFIGSGSGLIIPNQWEDDKDSVVGKQNVYLLDTSSSA
DIQLESADEPISHIVQKVVLFLEDNGFFVF
;
_entity_poly.pdbx_strand_id   A,B
#
loop_
_chem_comp.id
_chem_comp.type
_chem_comp.name
_chem_comp.formula
ACY non-polymer 'ACETIC ACID' 'C2 H4 O2'
ADX RNA linking ADENOSINE-5'-PHOSPHOSULFATE 'C10 H14 N5 O10 P S'
CA non-polymer 'CALCIUM ION' 'Ca 2'
CD non-polymer 'CADMIUM ION' 'Cd 2'
LCO non-polymer 'CHLORATE ION' 'Cl O3 -1'
MG non-polymer 'MAGNESIUM ION' 'Mg 2'
NA non-polymer 'SODIUM ION' 'Na 1'
POP non-polymer 'PYROPHOSPHATE 2-' 'H2 O7 P2 -2'
TRS non-polymer 2-AMINO-2-HYDROXYMETHYL-PROPANE-1,3-DIOL 'C4 H12 N O3 1'
#
# COMPACT_ATOMS: atom_id res chain seq x y z
N PRO A 1 28.41 21.40 37.67
CA PRO A 1 28.46 22.37 38.80
C PRO A 1 28.48 21.65 40.12
N ALA A 2 28.88 22.36 41.16
CA ALA A 2 28.94 21.76 42.48
C ALA A 2 27.55 21.41 42.96
N PRO A 3 27.41 20.28 43.63
CA PRO A 3 26.04 20.00 44.08
C PRO A 3 25.57 21.13 45.02
N HIS A 4 24.26 21.33 45.07
CA HIS A 4 23.66 22.36 45.91
C HIS A 4 24.07 22.16 47.35
N GLY A 5 24.66 23.18 47.94
CA GLY A 5 25.14 23.08 49.30
C GLY A 5 26.63 22.76 49.29
N GLY A 6 27.15 22.38 48.12
CA GLY A 6 28.56 22.08 48.00
C GLY A 6 28.97 20.64 48.09
N ILE A 7 28.19 19.82 48.79
CA ILE A 7 28.53 18.42 48.95
C ILE A 7 27.42 17.49 48.46
N LEU A 8 27.73 16.56 47.57
CA LEU A 8 26.70 15.62 47.13
C LEU A 8 26.41 14.71 48.32
N GLN A 9 25.19 14.71 48.80
CA GLN A 9 24.82 13.89 49.96
C GLN A 9 24.42 12.45 49.60
N ASP A 10 25.28 11.76 48.87
CA ASP A 10 25.01 10.38 48.48
C ASP A 10 25.18 9.51 49.74
N LEU A 11 24.10 9.35 50.50
CA LEU A 11 24.18 8.59 51.73
C LEU A 11 24.35 7.09 51.53
N ILE A 12 24.05 6.60 50.34
CA ILE A 12 24.25 5.16 50.09
C ILE A 12 25.77 4.97 50.16
N ALA A 13 26.48 5.88 49.51
CA ALA A 13 27.94 5.83 49.49
C ALA A 13 28.50 6.08 50.91
N ARG A 14 27.98 7.12 51.54
CA ARG A 14 28.41 7.50 52.87
C ARG A 14 28.28 6.39 53.90
N ASP A 15 27.10 5.76 53.94
CA ASP A 15 26.83 4.73 54.93
C ASP A 15 27.13 3.31 54.51
N ALA A 16 27.77 3.14 53.38
CA ALA A 16 28.10 1.79 52.89
C ALA A 16 28.59 0.76 53.92
N LEU A 17 29.62 1.08 54.70
CA LEU A 17 30.14 0.16 55.70
C LEU A 17 29.24 -0.08 56.92
N LYS A 18 28.15 0.68 56.99
CA LYS A 18 27.16 0.57 58.08
C LYS A 18 25.94 -0.22 57.57
N LYS A 19 26.02 -0.64 56.31
CA LYS A 19 24.97 -1.38 55.66
C LYS A 19 24.48 -2.56 56.47
N ASN A 20 25.38 -3.46 56.79
CA ASN A 20 24.99 -4.63 57.55
C ASN A 20 24.43 -4.33 58.94
N GLU A 21 25.01 -3.34 59.59
CA GLU A 21 24.61 -2.98 60.93
C GLU A 21 23.24 -2.33 60.90
N LEU A 22 23.05 -1.38 60.00
CA LEU A 22 21.78 -0.69 59.86
C LEU A 22 20.67 -1.69 59.52
N LEU A 23 21.00 -2.69 58.73
CA LEU A 23 20.05 -3.72 58.35
C LEU A 23 19.62 -4.57 59.57
N SER A 24 20.58 -4.88 60.42
CA SER A 24 20.25 -5.64 61.61
C SER A 24 19.33 -4.80 62.52
N GLU A 25 19.70 -3.53 62.76
CA GLU A 25 18.86 -2.66 63.58
C GLU A 25 17.46 -2.54 62.95
N ALA A 26 17.41 -2.46 61.62
CA ALA A 26 16.13 -2.34 60.91
C ALA A 26 15.20 -3.52 61.12
N GLN A 27 15.77 -4.72 61.25
CA GLN A 27 14.95 -5.91 61.41
C GLN A 27 14.83 -6.42 62.84
N SER A 28 15.40 -5.67 63.79
CA SER A 28 15.34 -6.03 65.20
C SER A 28 13.91 -5.83 65.67
N SER A 29 13.37 -6.79 66.41
CA SER A 29 11.99 -6.70 66.87
C SER A 29 11.66 -5.55 67.83
N ASP A 30 12.66 -4.82 68.30
CA ASP A 30 12.36 -3.74 69.22
C ASP A 30 12.09 -2.36 68.61
N ILE A 31 12.73 -2.09 67.45
CA ILE A 31 12.61 -0.81 66.76
C ILE A 31 11.22 -0.54 66.21
N LEU A 32 10.86 0.74 66.16
CA LEU A 32 9.56 1.16 65.63
C LEU A 32 9.61 1.21 64.09
N VAL A 33 8.57 0.72 63.44
CA VAL A 33 8.57 0.72 61.98
C VAL A 33 7.47 1.50 61.28
N TRP A 34 7.87 2.24 60.25
CA TRP A 34 6.94 3.02 59.45
C TRP A 34 7.04 2.55 58.01
N ASN A 35 5.92 2.17 57.41
CA ASN A 35 5.99 1.75 56.04
C ASN A 35 5.77 2.95 55.15
N LEU A 36 6.80 3.32 54.39
CA LEU A 36 6.75 4.49 53.49
C LEU A 36 5.58 4.49 52.51
N THR A 37 4.97 5.67 52.35
CA THR A 37 3.88 5.84 51.40
C THR A 37 4.58 6.05 50.05
N PRO A 38 3.84 5.85 48.95
CA PRO A 38 4.43 6.02 47.63
C PRO A 38 5.20 7.33 47.44
N ARG A 39 4.58 8.46 47.74
CA ARG A 39 5.31 9.70 47.53
C ARG A 39 6.56 9.77 48.38
N GLN A 40 6.48 9.21 49.60
CA GLN A 40 7.63 9.19 50.51
C GLN A 40 8.74 8.33 49.91
N LEU A 41 8.38 7.24 49.24
CA LEU A 41 9.37 6.39 48.62
C LEU A 41 10.16 7.20 47.59
N CYS A 42 9.44 8.05 46.86
CA CYS A 42 10.09 8.89 45.86
C CYS A 42 11.05 9.86 46.53
N ASP A 43 10.56 10.54 47.55
CA ASP A 43 11.37 11.49 48.29
C ASP A 43 12.58 10.81 48.94
N ILE A 44 12.32 9.75 49.69
CA ILE A 44 13.40 9.01 50.36
C ILE A 44 14.53 8.63 49.38
N GLU A 45 14.17 8.30 48.14
CA GLU A 45 15.18 7.91 47.17
C GLU A 45 16.03 9.10 46.72
N LEU A 46 15.42 10.27 46.63
CA LEU A 46 16.14 11.47 46.21
C LEU A 46 16.96 12.05 47.36
N ILE A 47 16.61 11.70 48.60
CA ILE A 47 17.39 12.18 49.73
C ILE A 47 18.61 11.28 49.91
N LEU A 48 18.40 9.96 49.91
CA LEU A 48 19.51 9.04 50.07
C LEU A 48 20.56 9.07 48.94
N ASN A 49 20.17 9.38 47.71
CA ASN A 49 21.15 9.39 46.63
C ASN A 49 21.83 10.72 46.34
N GLY A 50 21.50 11.75 47.10
CA GLY A 50 22.13 13.03 46.86
C GLY A 50 21.33 13.97 45.97
N GLY A 51 20.26 13.45 45.36
CA GLY A 51 19.42 14.29 44.52
C GLY A 51 18.84 15.53 45.20
N PHE A 52 18.60 15.44 46.51
CA PHE A 52 18.08 16.58 47.27
C PHE A 52 19.17 17.27 48.10
N SER A 53 20.42 17.17 47.67
CA SER A 53 21.51 17.82 48.40
C SER A 53 21.14 19.28 48.50
N PRO A 54 21.37 19.90 49.66
CA PRO A 54 21.98 19.36 50.87
C PRO A 54 21.17 18.53 51.84
N LEU A 55 19.90 18.28 51.59
CA LEU A 55 19.13 17.48 52.57
C LEU A 55 19.78 16.16 52.95
N THR A 56 19.53 15.69 54.16
CA THR A 56 20.04 14.37 54.60
C THR A 56 18.98 13.69 55.47
N GLY A 57 17.74 14.14 55.30
CA GLY A 57 16.64 13.58 56.05
C GLY A 57 15.38 14.37 55.77
N PHE A 58 14.31 14.11 56.52
CA PHE A 58 13.08 14.86 56.32
C PHE A 58 13.10 16.09 57.22
N LEU A 59 12.71 17.22 56.66
CA LEU A 59 12.73 18.49 57.38
C LEU A 59 12.06 18.56 58.74
N ASN A 60 12.79 19.12 59.71
CA ASN A 60 12.27 19.30 61.04
C ASN A 60 11.42 20.58 60.94
N GLU A 61 10.71 20.93 62.01
CA GLU A 61 9.85 22.09 61.96
C GLU A 61 10.58 23.38 61.61
N ASN A 62 11.78 23.53 62.16
CA ASN A 62 12.57 24.72 61.91
C ASN A 62 12.88 24.95 60.44
N ASP A 63 13.38 23.91 59.78
CA ASP A 63 13.70 24.02 58.37
C ASP A 63 12.41 24.06 57.55
N TYR A 64 11.44 23.26 57.98
CA TYR A 64 10.17 23.18 57.28
C TYR A 64 9.44 24.53 57.15
N SER A 65 9.38 25.27 58.25
CA SER A 65 8.69 26.56 58.24
C SER A 65 9.51 27.61 57.51
N SER A 66 10.82 27.44 57.57
CA SER A 66 11.69 28.36 56.87
C SER A 66 11.43 28.24 55.37
N VAL A 67 11.24 27.01 54.90
CA VAL A 67 10.96 26.71 53.50
C VAL A 67 9.56 27.22 53.10
N VAL A 68 8.59 27.11 54.01
CA VAL A 68 7.23 27.56 53.73
C VAL A 68 7.18 29.08 53.59
N THR A 69 7.78 29.78 54.54
CA THR A 69 7.77 31.24 54.53
C THR A 69 8.97 31.93 53.89
N ASP A 70 10.08 31.23 53.70
CA ASP A 70 11.26 31.86 53.11
C ASP A 70 11.82 31.25 51.84
N SER A 71 11.26 30.14 51.38
CA SER A 71 11.81 29.49 50.21
C SER A 71 13.25 29.20 50.49
N ARG A 72 13.60 29.00 51.76
CA ARG A 72 14.96 28.68 52.17
C ARG A 72 14.98 27.81 53.40
N LEU A 73 16.04 27.03 53.53
CA LEU A 73 16.23 26.19 54.68
C LEU A 73 16.57 27.18 55.77
N ALA A 74 16.49 26.73 57.01
CA ALA A 74 16.79 27.61 58.14
C ALA A 74 18.13 28.31 57.98
N ASP A 75 19.13 27.61 57.43
CA ASP A 75 20.46 28.19 57.25
C ASP A 75 20.61 29.10 56.04
N GLY A 76 19.51 29.45 55.39
CA GLY A 76 19.60 30.33 54.25
C GLY A 76 19.75 29.67 52.88
N THR A 77 20.05 28.36 52.85
CA THR A 77 20.18 27.67 51.57
C THR A 77 18.87 27.74 50.77
N LEU A 78 18.94 28.15 49.51
CA LEU A 78 17.75 28.24 48.67
C LEU A 78 17.05 26.88 48.44
N TRP A 79 15.80 26.75 48.91
CA TRP A 79 15.03 25.50 48.78
C TRP A 79 13.53 25.81 48.84
N THR A 80 12.81 25.54 47.76
CA THR A 80 11.39 25.87 47.69
C THR A 80 10.28 24.87 48.01
N ILE A 81 10.57 23.57 48.03
CA ILE A 81 9.53 22.58 48.28
C ILE A 81 9.81 21.85 49.59
N PRO A 82 8.86 21.87 50.53
CA PRO A 82 9.12 21.18 51.79
C PRO A 82 9.11 19.66 51.65
N ILE A 83 10.18 19.01 52.08
CA ILE A 83 10.20 17.55 52.01
C ILE A 83 10.05 17.03 53.43
N THR A 84 8.87 16.51 53.73
CA THR A 84 8.58 16.01 55.07
C THR A 84 8.07 14.58 55.11
N LEU A 85 8.17 13.98 56.29
CA LEU A 85 7.69 12.62 56.50
C LEU A 85 6.38 12.77 57.27
N ASP A 86 5.28 12.63 56.55
CA ASP A 86 3.92 12.78 57.11
C ASP A 86 3.38 11.47 57.68
N VAL A 87 2.99 11.47 58.95
CA VAL A 87 2.39 10.28 59.58
C VAL A 87 1.08 10.63 60.27
N ASP A 88 0.39 9.60 60.78
CA ASP A 88 -0.88 9.80 61.49
C ASP A 88 -0.68 9.94 63.02
N GLU A 89 -1.67 10.50 63.69
CA GLU A 89 -1.59 10.71 65.14
C GLU A 89 -1.16 9.45 65.90
N ALA A 90 -1.73 8.30 65.53
CA ALA A 90 -1.41 7.01 66.15
C ALA A 90 0.09 6.77 66.21
N PHE A 91 0.73 6.83 65.04
CA PHE A 91 2.17 6.61 64.97
C PHE A 91 2.96 7.75 65.60
N ALA A 92 2.50 8.98 65.36
CA ALA A 92 3.18 10.16 65.89
C ALA A 92 3.37 10.08 67.40
N ASN A 93 2.35 9.55 68.08
CA ASN A 93 2.34 9.42 69.54
C ASN A 93 3.31 8.44 70.15
N GLN A 94 3.86 7.55 69.33
CA GLN A 94 4.80 6.54 69.82
C GLN A 94 6.25 6.96 69.71
N ILE A 95 6.50 8.18 69.22
CA ILE A 95 7.88 8.65 69.04
C ILE A 95 8.20 9.95 69.74
N LYS A 96 9.46 10.06 70.15
CA LYS A 96 9.97 11.25 70.82
C LYS A 96 11.34 11.58 70.21
N PRO A 97 11.92 12.74 70.51
CA PRO A 97 13.24 12.99 69.91
C PRO A 97 14.24 11.93 70.35
N ASP A 98 15.29 11.78 69.55
CA ASP A 98 16.34 10.80 69.82
C ASP A 98 15.93 9.36 69.45
N THR A 99 14.64 9.13 69.26
CA THR A 99 14.17 7.80 68.88
C THR A 99 14.66 7.46 67.47
N ARG A 100 14.85 6.17 67.21
CA ARG A 100 15.28 5.68 65.89
C ARG A 100 14.19 4.81 65.28
N ILE A 101 13.73 5.18 64.09
CA ILE A 101 12.68 4.44 63.41
C ILE A 101 13.21 3.76 62.16
N ALA A 102 12.65 2.58 61.86
CA ALA A 102 13.04 1.85 60.67
C ALA A 102 12.04 2.17 59.55
N LEU A 103 12.56 2.65 58.43
CA LEU A 103 11.69 2.98 57.31
C LEU A 103 11.68 1.86 56.26
N PHE A 104 10.54 1.19 56.13
CA PHE A 104 10.36 0.07 55.20
C PHE A 104 9.60 0.40 53.93
N GLN A 105 9.80 -0.47 52.94
CA GLN A 105 9.09 -0.39 51.68
C GLN A 105 8.27 -1.69 51.58
N ASP A 106 6.95 -1.57 51.37
CA ASP A 106 6.09 -2.74 51.24
C ASP A 106 6.13 -3.61 52.50
N ASP A 107 6.28 -2.95 53.64
CA ASP A 107 6.37 -3.62 54.93
C ASP A 107 7.23 -4.86 54.81
N GLU A 108 8.37 -4.73 54.13
CA GLU A 108 9.24 -5.86 53.93
C GLU A 108 10.69 -5.50 53.62
N ILE A 109 10.90 -4.47 52.80
CA ILE A 109 12.27 -4.07 52.47
C ILE A 109 12.67 -2.87 53.33
N PRO A 110 13.71 -3.04 54.14
CA PRO A 110 14.14 -1.91 54.98
C PRO A 110 14.92 -0.89 54.16
N ILE A 111 14.46 0.35 54.14
CA ILE A 111 15.13 1.38 53.35
C ILE A 111 16.17 2.20 54.12
N ALA A 112 15.80 2.70 55.29
CA ALA A 112 16.73 3.49 56.08
C ALA A 112 16.33 3.58 57.53
N ILE A 113 17.19 4.23 58.30
CA ILE A 113 16.92 4.45 59.71
C ILE A 113 16.87 5.96 59.88
N LEU A 114 15.76 6.43 60.39
CA LEU A 114 15.55 7.85 60.62
C LEU A 114 15.75 8.15 62.11
N THR A 115 16.60 9.12 62.42
CA THR A 115 16.82 9.50 63.82
C THR A 115 15.97 10.74 64.07
N VAL A 116 14.96 10.58 64.92
CA VAL A 116 14.01 11.65 65.18
C VAL A 116 14.59 12.91 65.80
N GLN A 117 14.21 14.05 65.24
CA GLN A 117 14.64 15.35 65.76
C GLN A 117 13.41 16.03 66.37
N ASP A 118 12.25 15.83 65.77
CA ASP A 118 11.02 16.39 66.33
C ASP A 118 9.78 15.81 65.65
N VAL A 119 8.63 15.98 66.31
CA VAL A 119 7.34 15.52 65.79
C VAL A 119 6.40 16.71 65.92
N TYR A 120 5.99 17.30 64.80
CA TYR A 120 5.10 18.45 64.85
C TYR A 120 3.84 18.31 64.01
N LYS A 121 2.85 19.14 64.32
CA LYS A 121 1.59 19.11 63.57
C LYS A 121 1.47 20.37 62.73
N PRO A 122 1.90 20.30 61.45
CA PRO A 122 1.84 21.45 60.53
C PRO A 122 0.45 22.04 60.28
N ASN A 123 0.41 23.34 60.02
CA ASN A 123 -0.83 24.03 59.68
C ASN A 123 -0.92 23.85 58.16
N LYS A 124 -1.62 22.82 57.73
CA LYS A 124 -1.76 22.56 56.30
C LYS A 124 -2.30 23.71 55.47
N THR A 125 -3.07 24.60 56.08
CA THR A 125 -3.64 25.75 55.37
C THR A 125 -2.56 26.73 54.93
N ILE A 126 -1.59 26.96 55.80
CA ILE A 126 -0.48 27.85 55.49
C ILE A 126 0.41 27.28 54.39
N GLU A 127 0.77 26.01 54.56
CA GLU A 127 1.60 25.32 53.59
C GLU A 127 0.87 25.40 52.27
N ALA A 128 -0.41 25.09 52.29
CA ALA A 128 -1.23 25.09 51.08
C ALA A 128 -1.23 26.46 50.40
N GLU A 129 -1.38 27.50 51.21
CA GLU A 129 -1.43 28.85 50.67
C GLU A 129 -0.08 29.45 50.34
N LYS A 130 0.92 29.32 51.22
CA LYS A 130 2.25 29.89 50.93
C LYS A 130 3.07 29.12 49.91
N VAL A 131 2.97 27.80 49.95
CA VAL A 131 3.73 26.96 49.03
C VAL A 131 3.02 26.64 47.71
N PHE A 132 1.73 26.35 47.76
CA PHE A 132 1.04 25.97 46.54
C PHE A 132 0.00 26.94 45.99
N ARG A 133 -0.06 28.13 46.59
CA ARG A 133 -0.97 29.21 46.18
C ARG A 133 -2.44 29.11 46.62
N GLY A 134 -2.76 28.19 47.53
CA GLY A 134 -4.13 28.10 48.02
C GLY A 134 -5.31 27.43 47.34
N ASP A 135 -5.37 27.42 46.01
CA ASP A 135 -6.51 26.81 45.33
C ASP A 135 -6.70 25.33 45.72
N PRO A 136 -7.86 24.99 46.30
CA PRO A 136 -8.21 23.63 46.73
C PRO A 136 -8.13 22.58 45.67
N GLU A 137 -8.10 23.01 44.41
CA GLU A 137 -8.03 22.08 43.31
C GLU A 137 -6.60 21.76 42.92
N HIS A 138 -5.67 22.59 43.38
CA HIS A 138 -4.27 22.37 43.08
C HIS A 138 -3.89 20.94 43.55
N PRO A 139 -3.26 20.14 42.66
CA PRO A 139 -2.87 18.77 43.02
C PRO A 139 -2.12 18.63 44.36
N ALA A 140 -1.14 19.48 44.59
CA ALA A 140 -0.38 19.39 45.82
C ALA A 140 -1.24 19.64 47.07
N ILE A 141 -2.18 20.56 46.96
CA ILE A 141 -3.06 20.90 48.09
C ILE A 141 -4.07 19.81 48.38
N SER A 142 -4.54 19.16 47.33
CA SER A 142 -5.50 18.07 47.49
C SER A 142 -4.78 16.89 48.18
N TYR A 143 -3.54 16.63 47.78
CA TYR A 143 -2.77 15.55 48.39
C TYR A 143 -2.56 15.89 49.90
N LEU A 144 -2.10 17.11 50.16
CA LEU A 144 -1.83 17.54 51.51
C LEU A 144 -3.02 17.36 52.45
N PHE A 145 -4.24 17.61 51.97
CA PHE A 145 -5.41 17.48 52.84
C PHE A 145 -6.11 16.13 52.79
N ASN A 146 -6.00 15.43 51.67
CA ASN A 146 -6.69 14.15 51.54
C ASN A 146 -5.83 12.89 51.61
N VAL A 147 -4.52 13.01 51.45
CA VAL A 147 -3.63 11.85 51.48
C VAL A 147 -2.54 11.96 52.52
N ALA A 148 -2.00 13.16 52.70
CA ALA A 148 -0.91 13.35 53.64
C ALA A 148 -1.28 13.22 55.11
N GLY A 149 -0.34 12.72 55.91
CA GLY A 149 -0.56 12.58 57.33
C GLY A 149 -0.64 13.95 57.96
N ASP A 150 -1.28 14.05 59.12
CA ASP A 150 -1.42 15.34 59.78
C ASP A 150 -0.24 15.65 60.71
N TYR A 151 0.74 14.75 60.73
CA TYR A 151 1.94 14.94 61.56
C TYR A 151 3.22 14.75 60.75
N TYR A 152 4.20 15.61 60.99
CA TYR A 152 5.47 15.53 60.30
C TYR A 152 6.55 15.10 61.26
N VAL A 153 7.49 14.29 60.79
CA VAL A 153 8.57 13.85 61.66
C VAL A 153 9.93 14.24 61.09
N GLY A 154 10.47 15.35 61.59
CA GLY A 154 11.78 15.80 61.13
C GLY A 154 12.84 14.86 61.69
N GLY A 155 13.94 14.67 60.97
CA GLY A 155 14.96 13.78 61.47
C GLY A 155 15.93 13.40 60.37
N SER A 156 17.11 12.95 60.77
CA SER A 156 18.17 12.56 59.82
C SER A 156 18.11 11.11 59.38
N LEU A 157 18.61 10.86 58.18
CA LEU A 157 18.64 9.52 57.63
C LEU A 157 20.04 8.86 57.58
N GLU A 158 20.02 7.53 57.59
CA GLU A 158 21.20 6.68 57.45
C GLU A 158 20.64 5.66 56.47
N ALA A 159 21.21 5.64 55.27
CA ALA A 159 20.74 4.77 54.21
C ALA A 159 21.05 3.27 54.28
N ILE A 160 20.06 2.45 53.96
CA ILE A 160 20.27 1.00 53.89
C ILE A 160 20.30 0.63 52.39
N GLN A 161 19.38 1.22 51.62
CA GLN A 161 19.28 1.00 50.17
C GLN A 161 18.16 1.87 49.59
N LEU A 162 18.31 2.29 48.34
CA LEU A 162 17.30 3.11 47.67
C LEU A 162 16.06 2.25 47.50
N PRO A 163 14.90 2.87 47.32
CA PRO A 163 13.71 2.04 47.16
C PRO A 163 13.81 1.11 45.95
N GLN A 164 13.23 -0.07 46.10
CA GLN A 164 13.26 -1.14 45.10
C GLN A 164 12.47 -0.88 43.82
N HIS A 165 13.07 -1.15 42.67
CA HIS A 165 12.42 -0.98 41.37
C HIS A 165 12.82 -2.13 40.48
N TYR A 166 11.85 -2.81 39.87
CA TYR A 166 12.21 -3.91 39.00
C TYR A 166 12.11 -3.55 37.55
N ASP A 167 11.64 -2.34 37.27
CA ASP A 167 11.53 -1.88 35.89
C ASP A 167 12.60 -0.86 35.59
N TYR A 168 13.11 -0.90 34.36
CA TYR A 168 14.14 0.02 33.90
C TYR A 168 15.38 0.09 34.78
N PRO A 169 15.86 -1.07 35.25
CA PRO A 169 17.04 -1.14 36.12
C PRO A 169 18.20 -0.32 35.57
N GLY A 170 18.44 -0.39 34.27
CA GLY A 170 19.55 0.37 33.75
C GLY A 170 19.36 1.88 33.72
N LEU A 171 18.14 2.33 33.50
CA LEU A 171 17.88 3.74 33.36
C LEU A 171 17.73 4.69 34.54
N ARG A 172 17.45 4.20 35.74
CA ARG A 172 17.29 5.15 36.86
C ARG A 172 18.64 5.55 37.47
N LYS A 173 19.40 6.33 36.71
CA LYS A 173 20.72 6.75 37.16
C LYS A 173 20.73 7.69 38.37
N THR A 174 21.62 7.42 39.32
CA THR A 174 21.75 8.25 40.51
C THR A 174 22.67 9.39 40.15
N PRO A 175 22.65 10.48 40.92
CA PRO A 175 23.51 11.63 40.63
C PRO A 175 24.97 11.18 40.39
N ALA A 176 25.49 10.36 41.29
CA ALA A 176 26.86 9.89 41.12
C ALA A 176 27.01 9.17 39.78
N GLN A 177 26.10 8.25 39.46
CA GLN A 177 26.18 7.51 38.19
C GLN A 177 26.04 8.39 36.96
N LEU A 178 25.12 9.35 36.99
CA LEU A 178 24.97 10.23 35.84
C LEU A 178 26.26 10.97 35.59
N ARG A 179 26.81 11.58 36.65
CA ARG A 179 28.05 12.34 36.53
C ARG A 179 29.13 11.47 35.87
N LEU A 180 29.23 10.22 36.30
CA LEU A 180 30.19 9.32 35.72
C LEU A 180 29.90 9.10 34.24
N GLU A 181 28.61 9.00 33.92
CA GLU A 181 28.16 8.82 32.54
C GLU A 181 28.64 9.96 31.67
N PHE A 182 28.42 11.18 32.14
CA PHE A 182 28.79 12.36 31.40
C PHE A 182 30.30 12.42 31.25
N GLN A 183 31.01 11.99 32.31
CA GLN A 183 32.46 12.02 32.25
C GLN A 183 33.03 11.04 31.25
N SER A 184 32.66 9.77 31.34
CA SER A 184 33.15 8.77 30.40
C SER A 184 33.00 9.29 28.99
N ARG A 185 32.04 10.18 28.80
CA ARG A 185 31.76 10.76 27.49
C ARG A 185 32.44 12.12 27.29
N GLN A 186 33.02 12.66 28.36
CA GLN A 186 33.69 13.95 28.32
C GLN A 186 32.68 15.07 28.03
N TRP A 187 31.54 14.93 28.69
CA TRP A 187 30.48 15.89 28.57
C TRP A 187 30.61 16.83 29.76
N ASP A 188 31.00 18.08 29.48
CA ASP A 188 31.15 19.08 30.53
C ASP A 188 30.09 20.15 30.43
N ARG A 189 29.25 20.04 29.41
CA ARG A 189 28.14 20.96 29.20
C ARG A 189 26.93 20.06 28.85
N VAL A 190 25.94 20.07 29.71
CA VAL A 190 24.76 19.23 29.52
C VAL A 190 23.50 20.00 29.90
N VAL A 191 22.58 20.16 28.94
CA VAL A 191 21.36 20.85 29.28
C VAL A 191 20.24 19.83 29.51
N ALA A 192 19.71 19.84 30.73
CA ALA A 192 18.64 18.92 31.11
C ALA A 192 17.22 19.40 30.77
N PHE A 193 16.38 18.46 30.33
CA PHE A 193 14.99 18.73 29.99
C PHE A 193 14.06 17.95 30.89
N GLN A 194 13.33 18.65 31.73
CA GLN A 194 12.37 18.04 32.63
C GLN A 194 11.09 17.71 31.83
N THR A 195 10.32 16.72 32.29
CA THR A 195 9.07 16.39 31.63
C THR A 195 8.27 15.32 32.33
N ARG A 196 6.96 15.37 32.12
CA ARG A 196 6.04 14.40 32.70
C ARG A 196 5.03 13.95 31.64
N ASN A 197 5.23 14.41 30.40
CA ASN A 197 4.35 14.07 29.29
C ASN A 197 5.15 13.45 28.19
N PRO A 198 4.48 12.83 27.22
CA PRO A 198 5.24 12.23 26.14
C PRO A 198 5.81 13.36 25.30
N MET A 199 6.98 13.16 24.72
CA MET A 199 7.57 14.22 23.94
C MET A 199 7.09 14.14 22.51
N HIS A 200 6.73 15.31 21.97
CA HIS A 200 6.28 15.40 20.59
C HIS A 200 7.29 16.24 19.83
N ARG A 201 6.97 16.52 18.57
CA ARG A 201 7.88 17.30 17.74
C ARG A 201 8.32 18.64 18.35
N ALA A 202 7.38 19.35 18.97
CA ALA A 202 7.71 20.65 19.56
C ALA A 202 8.87 20.48 20.54
N HIS A 203 8.74 19.52 21.44
CA HIS A 203 9.77 19.27 22.42
C HIS A 203 11.11 18.86 21.81
N ARG A 204 11.12 18.01 20.78
CA ARG A 204 12.37 17.61 20.18
C ARG A 204 13.06 18.87 19.68
N GLU A 205 12.32 19.74 19.00
CA GLU A 205 12.89 20.99 18.49
C GLU A 205 13.35 21.87 19.65
N LEU A 206 12.51 21.96 20.68
CA LEU A 206 12.80 22.74 21.85
C LEU A 206 14.11 22.30 22.45
N THR A 207 14.29 21.00 22.67
CA THR A 207 15.53 20.50 23.27
C THR A 207 16.75 20.66 22.38
N VAL A 208 16.60 20.52 21.06
CA VAL A 208 17.75 20.68 20.17
C VAL A 208 18.19 22.13 20.10
N ARG A 209 17.21 23.03 20.03
CA ARG A 209 17.53 24.45 20.03
C ARG A 209 18.35 24.75 21.27
N ALA A 210 17.87 24.26 22.42
CA ALA A 210 18.57 24.46 23.66
C ALA A 210 19.96 23.91 23.54
N ALA A 211 20.08 22.73 22.95
CA ALA A 211 21.39 22.10 22.80
C ALA A 211 22.32 23.01 21.99
N ARG A 212 21.74 23.62 20.97
CA ARG A 212 22.49 24.52 20.11
C ARG A 212 22.81 25.88 20.79
N GLU A 213 21.82 26.47 21.46
CA GLU A 213 22.02 27.73 22.15
C GLU A 213 23.10 27.58 23.23
N ALA A 214 22.97 26.54 24.04
CA ALA A 214 23.91 26.32 25.14
C ALA A 214 25.19 25.63 24.75
N ASN A 215 25.26 25.15 23.51
CA ASN A 215 26.49 24.47 23.08
C ASN A 215 26.74 23.32 24.03
N ALA A 216 25.70 22.57 24.32
CA ALA A 216 25.75 21.47 25.26
C ALA A 216 25.01 20.24 24.78
N LYS A 217 25.36 19.11 25.39
CA LYS A 217 24.71 17.84 25.08
C LYS A 217 23.31 17.83 25.77
N VAL A 218 22.44 16.95 25.28
CA VAL A 218 21.07 16.87 25.79
C VAL A 218 20.84 15.74 26.78
N LEU A 219 20.21 16.07 27.90
CA LEU A 219 19.88 15.07 28.90
C LEU A 219 18.35 15.02 29.05
N ILE A 220 17.71 14.01 28.50
CA ILE A 220 16.25 13.87 28.66
C ILE A 220 16.13 13.30 30.05
N HIS A 221 15.65 14.10 31.00
CA HIS A 221 15.54 13.64 32.38
C HIS A 221 14.10 13.58 32.88
N PRO A 222 13.27 12.68 32.32
CA PRO A 222 11.86 12.55 32.70
C PRO A 222 11.54 12.00 34.09
N VAL A 223 10.41 12.47 34.62
CA VAL A 223 9.94 12.03 35.92
C VAL A 223 9.14 10.70 35.79
N VAL A 224 9.53 9.71 36.57
CA VAL A 224 8.82 8.44 36.56
C VAL A 224 8.43 8.11 37.99
N GLY A 225 8.44 9.13 38.84
CA GLY A 225 8.09 8.97 40.24
C GLY A 225 6.62 9.17 40.52
N LEU A 226 6.16 10.39 40.43
CA LEU A 226 4.77 10.70 40.69
C LEU A 226 4.54 12.05 40.05
N THR A 227 3.53 12.13 39.19
CA THR A 227 3.25 13.38 38.50
C THR A 227 1.82 13.86 38.67
N LYS A 228 1.31 14.59 37.69
CA LYS A 228 -0.04 15.11 37.76
C LYS A 228 -1.07 13.99 37.58
N PRO A 229 -2.10 13.96 38.42
CA PRO A 229 -3.12 12.90 38.29
C PRO A 229 -3.70 12.91 36.89
N GLY A 230 -3.85 11.72 36.32
CA GLY A 230 -4.39 11.62 34.98
C GLY A 230 -3.32 11.70 33.91
N ASP A 231 -2.06 11.76 34.30
CA ASP A 231 -0.99 11.80 33.31
C ASP A 231 -0.85 10.44 32.66
N ILE A 232 -0.12 10.37 31.54
CA ILE A 232 0.12 9.08 30.88
C ILE A 232 1.08 8.35 31.83
N ASP A 233 0.88 7.05 32.03
CA ASP A 233 1.76 6.30 32.94
C ASP A 233 3.19 6.40 32.47
N HIS A 234 4.13 6.25 33.40
CA HIS A 234 5.52 6.38 33.00
C HIS A 234 6.03 5.28 32.07
N HIS A 235 5.44 4.08 32.15
CA HIS A 235 5.86 2.97 31.30
C HIS A 235 5.70 3.36 29.82
N THR A 236 4.52 3.89 29.51
CA THR A 236 4.22 4.33 28.17
C THR A 236 5.17 5.49 27.80
N ARG A 237 5.27 6.46 28.69
CA ARG A 237 6.16 7.58 28.42
C ARG A 237 7.61 7.13 28.21
N VAL A 238 8.10 6.20 29.01
CA VAL A 238 9.46 5.71 28.83
C VAL A 238 9.59 5.15 27.41
N ARG A 239 8.60 4.36 26.97
CA ARG A 239 8.65 3.79 25.63
C ARG A 239 8.68 4.92 24.61
N VAL A 240 7.89 5.95 24.84
CA VAL A 240 7.88 7.08 23.96
C VAL A 240 9.27 7.76 23.94
N TYR A 241 9.87 8.00 25.10
CA TYR A 241 11.17 8.65 25.16
C TYR A 241 12.20 7.83 24.45
N GLN A 242 12.23 6.54 24.74
CA GLN A 242 13.20 5.67 24.09
C GLN A 242 13.06 5.75 22.58
N GLU A 243 11.83 5.92 22.12
CA GLU A 243 11.57 5.98 20.68
C GLU A 243 11.99 7.31 20.07
N ILE A 244 11.59 8.40 20.70
CA ILE A 244 11.92 9.72 20.19
C ILE A 244 13.42 10.04 20.31
N ILE A 245 14.13 9.44 21.26
CA ILE A 245 15.55 9.72 21.45
C ILE A 245 16.31 9.38 20.17
N LYS A 246 15.76 8.47 19.38
CA LYS A 246 16.39 8.04 18.14
C LYS A 246 16.34 9.11 17.04
N ARG A 247 15.55 10.15 17.26
CA ARG A 247 15.44 11.21 16.27
C ARG A 247 16.43 12.31 16.54
N TYR A 248 17.33 12.06 17.47
CA TYR A 248 18.36 13.02 17.79
C TYR A 248 19.59 12.59 17.05
N PRO A 249 20.47 13.53 16.71
CA PRO A 249 21.65 13.03 16.01
C PRO A 249 22.45 12.11 16.94
N ASN A 250 23.06 11.09 16.36
CA ASN A 250 23.87 10.14 17.08
C ASN A 250 24.81 10.77 18.08
N GLY A 251 24.70 10.34 19.33
CA GLY A 251 25.58 10.82 20.38
C GLY A 251 25.33 12.20 20.91
N ILE A 252 24.14 12.74 20.75
CA ILE A 252 23.91 14.09 21.24
C ILE A 252 23.08 14.08 22.54
N ALA A 253 22.29 13.03 22.73
CA ALA A 253 21.41 12.94 23.87
C ALA A 253 21.57 11.70 24.72
N PHE A 254 21.22 11.83 26.00
CA PHE A 254 21.30 10.74 26.97
C PHE A 254 19.98 10.68 27.72
N LEU A 255 19.51 9.48 28.02
CA LEU A 255 18.24 9.35 28.71
C LEU A 255 18.45 8.82 30.12
N SER A 256 17.82 9.46 31.09
CA SER A 256 17.91 9.01 32.46
C SER A 256 16.59 9.27 33.17
N LEU A 257 16.06 8.23 33.83
CA LEU A 257 14.81 8.33 34.58
C LEU A 257 15.03 8.91 36.00
N LEU A 258 14.20 9.88 36.35
CA LEU A 258 14.26 10.56 37.65
C LEU A 258 13.05 10.15 38.49
N PRO A 259 13.29 9.42 39.60
CA PRO A 259 12.20 8.98 40.47
C PRO A 259 11.70 10.07 41.40
N LEU A 260 11.43 11.24 40.82
CA LEU A 260 10.95 12.38 41.57
C LEU A 260 9.46 12.36 41.70
N ALA A 261 8.96 12.90 42.81
CA ALA A 261 7.54 13.00 43.07
C ALA A 261 7.21 14.47 42.97
N MET A 262 6.73 14.88 41.81
CA MET A 262 6.36 16.27 41.58
C MET A 262 5.24 16.75 42.47
N ARG A 263 5.15 18.07 42.63
CA ARG A 263 4.07 18.67 43.41
C ARG A 263 3.23 19.51 42.46
N MET A 264 3.62 19.58 41.20
CA MET A 264 2.93 20.40 40.22
C MET A 264 2.87 21.81 40.79
N SER A 265 3.99 22.23 41.40
CA SER A 265 4.04 23.54 42.01
C SER A 265 4.68 24.68 41.18
N GLY A 266 4.28 24.79 39.92
CA GLY A 266 4.78 25.84 39.04
C GLY A 266 6.14 26.47 39.34
N ASP A 267 6.14 27.77 39.53
CA ASP A 267 7.40 28.46 39.77
C ASP A 267 8.31 27.87 40.84
N ARG A 268 7.79 27.62 42.04
CA ARG A 268 8.62 27.03 43.10
C ARG A 268 9.21 25.70 42.69
N GLU A 269 8.39 24.86 42.06
CA GLU A 269 8.88 23.57 41.63
C GLU A 269 10.01 23.78 40.62
N ALA A 270 9.85 24.75 39.73
CA ALA A 270 10.88 25.03 38.73
C ALA A 270 12.23 25.25 39.41
N VAL A 271 12.22 26.02 40.49
CA VAL A 271 13.43 26.32 41.25
C VAL A 271 13.99 25.03 41.81
N TRP A 272 13.09 24.25 42.41
CA TRP A 272 13.43 22.96 42.98
C TRP A 272 14.03 22.05 41.91
N HIS A 273 13.41 22.03 40.73
CA HIS A 273 13.88 21.19 39.62
C HIS A 273 15.29 21.57 39.23
N ALA A 274 15.55 22.86 39.15
CA ALA A 274 16.87 23.34 38.77
C ALA A 274 17.90 22.91 39.80
N ILE A 275 17.53 22.96 41.08
CA ILE A 275 18.45 22.55 42.14
C ILE A 275 18.71 21.06 41.97
N ILE A 276 17.65 20.31 41.72
CA ILE A 276 17.75 18.88 41.56
C ILE A 276 18.65 18.47 40.38
N ARG A 277 18.45 19.11 39.23
CA ARG A 277 19.23 18.76 38.07
C ARG A 277 20.69 19.14 38.26
N LYS A 278 20.93 20.23 38.98
CA LYS A 278 22.30 20.64 39.26
C LYS A 278 22.99 19.51 40.04
N ASN A 279 22.34 19.01 41.10
CA ASN A 279 22.92 17.91 41.87
C ASN A 279 23.25 16.72 40.96
N TYR A 280 22.37 16.46 39.98
CA TYR A 280 22.54 15.34 39.04
C TYR A 280 23.61 15.53 37.97
N GLY A 281 24.33 16.64 38.00
CA GLY A 281 25.37 16.83 37.01
C GLY A 281 25.11 17.74 35.81
N ALA A 282 23.91 18.29 35.69
CA ALA A 282 23.58 19.17 34.58
C ALA A 282 24.23 20.55 34.75
N SER A 283 24.54 21.22 33.64
CA SER A 283 25.13 22.56 33.69
C SER A 283 24.10 23.59 33.22
N HIS A 284 23.03 23.10 32.62
CA HIS A 284 21.92 23.91 32.10
C HIS A 284 20.60 23.20 32.33
N PHE A 285 19.55 23.99 32.56
CA PHE A 285 18.22 23.44 32.77
C PHE A 285 17.20 24.28 32.03
N ILE A 286 16.38 23.63 31.20
CA ILE A 286 15.34 24.29 30.43
C ILE A 286 14.13 24.70 31.28
N VAL A 287 13.52 25.83 30.97
CA VAL A 287 12.30 26.22 31.67
C VAL A 287 11.41 26.89 30.60
N GLY A 288 10.44 26.13 30.12
CA GLY A 288 9.55 26.61 29.08
C GLY A 288 8.31 27.24 29.66
N ARG A 289 7.22 27.19 28.90
CA ARG A 289 5.95 27.79 29.32
C ARG A 289 5.22 26.93 30.37
N ASP A 290 4.72 27.59 31.40
CA ASP A 290 3.99 26.95 32.48
C ASP A 290 4.69 25.69 33.00
N HIS A 291 5.97 25.82 33.31
CA HIS A 291 6.81 24.74 33.82
C HIS A 291 6.27 24.26 35.15
N ALA A 292 6.03 22.95 35.25
CA ALA A 292 5.50 22.32 36.45
C ALA A 292 4.14 22.86 36.86
N GLY A 293 3.43 23.45 35.90
CA GLY A 293 2.12 24.02 36.15
C GLY A 293 0.97 23.04 35.93
N PRO A 294 -0.05 23.06 36.80
CA PRO A 294 -1.14 22.12 36.57
C PRO A 294 -2.30 22.65 35.73
N GLY A 295 -2.01 23.62 34.86
CA GLY A 295 -3.04 24.16 34.01
C GLY A 295 -4.04 25.09 34.68
N LYS A 296 -5.32 24.88 34.43
CA LYS A 296 -6.37 25.72 35.03
C LYS A 296 -7.26 24.93 35.97
N ASN A 297 -7.95 25.63 36.86
CA ASN A 297 -8.88 25.00 37.80
C ASN A 297 -10.25 24.91 37.12
N SER A 298 -11.21 24.27 37.78
CA SER A 298 -12.56 24.10 37.20
C SER A 298 -13.20 25.40 36.73
N LYS A 299 -12.75 26.53 37.28
CA LYS A 299 -13.29 27.83 36.90
C LYS A 299 -12.58 28.44 35.71
N GLY A 300 -11.64 27.71 35.13
CA GLY A 300 -10.93 28.21 33.97
C GLY A 300 -9.73 29.14 34.20
N VAL A 301 -9.48 29.49 35.46
CA VAL A 301 -8.35 30.36 35.77
C VAL A 301 -7.04 29.55 35.97
N ASP A 302 -5.93 30.18 35.61
CA ASP A 302 -4.59 29.59 35.69
C ASP A 302 -4.06 29.41 37.11
N PHE A 303 -3.47 28.26 37.40
CA PHE A 303 -2.89 28.04 38.73
C PHE A 303 -1.65 28.96 38.83
N TYR A 304 -0.90 29.08 37.73
CA TYR A 304 0.28 29.95 37.65
C TYR A 304 0.26 30.68 36.32
N GLY A 305 0.99 31.79 36.25
CA GLY A 305 1.07 32.54 35.00
C GLY A 305 1.92 31.67 34.10
N PRO A 306 1.71 31.65 32.78
CA PRO A 306 2.52 30.82 31.90
C PRO A 306 4.03 31.04 32.01
N TYR A 307 4.44 32.12 32.67
CA TYR A 307 5.85 32.43 32.81
C TYR A 307 6.29 32.82 34.22
N ASP A 308 5.50 32.43 35.21
CA ASP A 308 5.86 32.73 36.58
C ASP A 308 7.15 31.97 36.94
N ALA A 309 7.22 30.71 36.54
CA ALA A 309 8.40 29.90 36.83
C ALA A 309 9.65 30.56 36.30
N GLN A 310 9.56 31.05 35.06
CA GLN A 310 10.71 31.67 34.45
C GLN A 310 11.16 32.89 35.23
N GLU A 311 10.19 33.70 35.65
CA GLU A 311 10.50 34.90 36.43
C GLU A 311 11.15 34.54 37.78
N LEU A 312 10.55 33.59 38.51
CA LEU A 312 11.08 33.16 39.79
C LEU A 312 12.50 32.60 39.65
N VAL A 313 12.70 31.75 38.65
CA VAL A 313 14.00 31.13 38.41
C VAL A 313 15.01 32.21 38.07
N GLU A 314 14.56 33.22 37.35
CA GLU A 314 15.39 34.35 36.96
C GLU A 314 15.87 35.14 38.17
N SER A 315 14.97 35.36 39.11
CA SER A 315 15.29 36.10 40.31
C SER A 315 16.29 35.40 41.23
N TYR A 316 16.37 34.07 41.19
CA TYR A 316 17.32 33.33 42.04
C TYR A 316 18.56 32.98 41.22
N LYS A 317 18.60 33.48 39.99
CA LYS A 317 19.66 33.24 39.04
C LYS A 317 21.08 33.18 39.56
N HIS A 318 21.47 34.18 40.35
CA HIS A 318 22.85 34.23 40.83
C HIS A 318 23.22 33.26 41.92
N GLU A 319 22.27 32.46 42.38
CA GLU A 319 22.61 31.52 43.42
C GLU A 319 22.17 30.13 43.09
N LEU A 320 21.60 29.93 41.90
CA LEU A 320 21.17 28.59 41.49
C LEU A 320 22.42 27.85 41.04
N ASP A 321 23.36 28.61 40.47
CA ASP A 321 24.62 28.08 40.03
C ASP A 321 24.51 27.01 38.95
N ILE A 322 23.42 27.08 38.21
CA ILE A 322 23.17 26.21 37.07
C ILE A 322 22.46 27.14 36.11
N GLU A 323 22.92 27.20 34.88
CA GLU A 323 22.34 28.10 33.90
C GLU A 323 20.98 27.64 33.36
N VAL A 324 20.01 28.56 33.40
CA VAL A 324 18.66 28.27 32.93
C VAL A 324 18.43 28.75 31.52
N VAL A 325 17.97 27.85 30.66
CA VAL A 325 17.66 28.20 29.28
C VAL A 325 16.13 28.36 29.20
N PRO A 326 15.66 29.60 29.16
CA PRO A 326 14.23 29.86 29.08
C PRO A 326 13.64 29.78 27.68
N PHE A 327 12.40 29.34 27.58
CA PHE A 327 11.73 29.21 26.31
C PHE A 327 10.32 29.73 26.42
N ARG A 328 9.85 30.40 25.38
CA ARG A 328 8.50 30.94 25.33
C ARG A 328 7.76 29.86 24.55
N MET A 329 6.45 29.92 24.57
CA MET A 329 5.61 28.96 23.86
C MET A 329 6.21 28.55 22.50
N VAL A 330 6.67 27.32 22.37
CA VAL A 330 7.20 26.86 21.09
C VAL A 330 6.00 26.39 20.30
N THR A 331 5.84 26.88 19.08
CA THR A 331 4.67 26.47 18.31
C THR A 331 4.94 26.10 16.87
N TYR A 332 3.92 25.57 16.21
CA TYR A 332 4.05 25.15 14.82
C TYR A 332 3.76 26.20 13.74
N LEU A 333 4.60 26.18 12.72
CA LEU A 333 4.50 27.08 11.57
C LEU A 333 4.15 26.31 10.30
N PRO A 334 2.85 26.18 10.01
CA PRO A 334 2.36 25.47 8.83
C PRO A 334 3.19 25.82 7.60
N ASP A 335 2.88 26.99 7.05
CA ASP A 335 3.49 27.52 5.83
C ASP A 335 5.01 27.35 5.68
N GLU A 336 5.73 27.10 6.76
CA GLU A 336 7.17 26.92 6.64
C GLU A 336 7.62 25.55 7.13
N ASP A 337 6.66 24.77 7.65
CA ASP A 337 6.92 23.42 8.18
C ASP A 337 8.12 23.45 9.10
N ARG A 338 7.90 23.96 10.29
CA ARG A 338 8.94 24.05 11.30
C ARG A 338 8.35 24.70 12.54
N TYR A 339 8.98 24.46 13.68
CA TYR A 339 8.51 25.02 14.93
C TYR A 339 9.42 26.20 15.27
N ALA A 340 8.96 27.04 16.20
CA ALA A 340 9.74 28.19 16.60
C ALA A 340 9.12 28.87 17.79
N PRO A 341 9.96 29.49 18.62
CA PRO A 341 9.46 30.19 19.79
C PRO A 341 8.51 31.28 19.31
N ILE A 342 7.36 31.38 19.95
CA ILE A 342 6.38 32.36 19.57
C ILE A 342 6.92 33.78 19.78
N ASP A 343 7.93 33.92 20.64
CA ASP A 343 8.50 35.24 20.89
C ASP A 343 9.29 35.77 19.70
N GLN A 344 9.58 34.90 18.73
CA GLN A 344 10.31 35.37 17.57
C GLN A 344 9.58 35.18 16.24
N ILE A 345 8.28 35.54 16.22
CA ILE A 345 7.44 35.48 15.03
C ILE A 345 6.16 36.29 15.13
N ASP A 346 5.04 35.62 14.86
CA ASP A 346 3.70 36.20 14.89
C ASP A 346 3.54 37.41 13.96
N THR A 347 3.14 38.53 14.56
CA THR A 347 2.89 39.77 13.83
C THR A 347 1.79 39.55 12.79
N THR A 348 1.05 38.44 12.97
CA THR A 348 -0.03 38.03 12.06
C THR A 348 0.59 37.65 10.72
N LYS A 349 1.74 38.26 10.41
CA LYS A 349 2.46 37.99 9.17
C LYS A 349 2.68 36.48 9.04
N THR A 350 2.68 35.78 10.17
CA THR A 350 2.88 34.35 10.19
C THR A 350 1.77 33.63 10.95
N ARG A 351 1.28 32.56 10.33
CA ARG A 351 0.20 31.74 10.89
C ARG A 351 0.79 30.54 11.63
N THR A 352 0.35 30.34 12.87
CA THR A 352 0.83 29.23 13.68
C THR A 352 -0.19 28.10 13.80
N LEU A 353 0.21 27.08 14.55
CA LEU A 353 -0.66 25.92 14.82
C LEU A 353 -0.24 25.27 16.14
N ASN A 354 -1.23 24.89 16.93
CA ASN A 354 -0.99 24.30 18.22
C ASN A 354 -2.07 23.30 18.70
N ILE A 355 -1.71 22.02 18.81
CA ILE A 355 -2.63 20.97 19.28
C ILE A 355 -2.44 20.75 20.78
N SER A 356 -3.22 21.43 21.59
CA SER A 356 -3.11 21.27 23.03
C SER A 356 -3.29 19.80 23.45
N GLY A 357 -2.71 19.44 24.60
CA GLY A 357 -2.84 18.09 25.13
C GLY A 357 -4.31 17.73 25.25
N THR A 358 -5.12 18.71 25.64
CA THR A 358 -6.55 18.50 25.73
C THR A 358 -6.97 17.82 24.44
N GLU A 359 -7.09 18.59 23.37
CA GLU A 359 -7.51 18.04 22.10
C GLU A 359 -6.70 16.80 21.67
N LEU A 360 -5.51 16.61 22.23
CA LEU A 360 -4.72 15.43 21.90
C LEU A 360 -5.41 14.19 22.44
N ARG A 361 -5.88 14.26 23.69
CA ARG A 361 -6.59 13.14 24.30
C ARG A 361 -7.84 12.87 23.44
N ARG A 362 -8.54 13.94 23.09
CA ARG A 362 -9.74 13.85 22.29
C ARG A 362 -9.61 12.93 21.06
N ARG A 363 -8.55 13.11 20.26
CA ARG A 363 -8.34 12.28 19.08
C ARG A 363 -7.95 10.85 19.46
N LEU A 364 -7.21 10.73 20.55
CA LEU A 364 -6.77 9.43 21.06
C LEU A 364 -7.97 8.63 21.53
N ARG A 365 -8.93 9.35 22.09
CA ARG A 365 -10.16 8.74 22.60
C ARG A 365 -11.17 8.55 21.45
N VAL A 366 -10.95 9.25 20.34
CA VAL A 366 -11.85 9.15 19.20
C VAL A 366 -11.22 8.55 17.94
N GLY A 367 -10.09 7.89 18.09
CA GLY A 367 -9.43 7.28 16.95
C GLY A 367 -9.07 8.24 15.84
N GLY A 368 -9.13 9.53 16.15
CA GLY A 368 -8.80 10.55 15.17
C GLY A 368 -7.35 10.51 14.71
N GLU A 369 -7.08 11.00 13.50
CA GLU A 369 -5.73 11.01 12.96
C GLU A 369 -4.98 12.19 13.56
N ILE A 370 -3.80 11.91 14.10
CA ILE A 370 -2.99 12.94 14.72
C ILE A 370 -1.88 13.36 13.74
N PRO A 371 -1.91 14.62 13.31
CA PRO A 371 -1.01 15.30 12.37
C PRO A 371 0.43 14.79 12.29
N GLU A 372 0.91 14.59 11.07
CA GLU A 372 2.30 14.14 10.87
C GLU A 372 3.28 15.16 11.49
N TRP A 373 2.93 16.44 11.37
CA TRP A 373 3.77 17.51 11.91
C TRP A 373 3.79 17.54 13.44
N PHE A 374 2.65 17.28 14.07
CA PHE A 374 2.55 17.30 15.52
C PHE A 374 3.46 16.32 16.27
N SER A 375 3.39 15.04 15.93
CA SER A 375 4.20 14.06 16.62
C SER A 375 4.65 12.98 15.65
N TYR A 376 5.75 12.30 16.00
CA TYR A 376 6.26 11.22 15.16
C TYR A 376 5.22 10.10 15.19
N PRO A 377 5.10 9.35 14.08
CA PRO A 377 4.12 8.25 14.01
C PRO A 377 4.36 7.15 15.05
N GLU A 378 5.60 6.66 15.13
CA GLU A 378 5.97 5.60 16.09
C GLU A 378 5.50 5.97 17.52
N VAL A 379 5.52 7.27 17.82
CA VAL A 379 5.11 7.75 19.13
C VAL A 379 3.59 7.66 19.29
N VAL A 380 2.86 8.20 18.32
CA VAL A 380 1.42 8.16 18.39
C VAL A 380 0.96 6.72 18.51
N LYS A 381 1.66 5.84 17.81
CA LYS A 381 1.32 4.42 17.85
C LYS A 381 1.39 3.93 19.29
N ILE A 382 2.51 4.17 19.97
CA ILE A 382 2.67 3.75 21.36
C ILE A 382 1.57 4.35 22.25
N LEU A 383 1.21 5.60 22.00
CA LEU A 383 0.18 6.24 22.79
C LEU A 383 -1.21 5.60 22.59
N ARG A 384 -1.65 5.48 21.33
CA ARG A 384 -2.96 4.89 21.04
C ARG A 384 -3.02 3.50 21.67
N GLU A 385 -1.91 2.77 21.58
CA GLU A 385 -1.80 1.44 22.14
C GLU A 385 -2.05 1.39 23.65
N SER A 386 -1.65 2.43 24.38
CA SER A 386 -1.86 2.46 25.82
C SER A 386 -3.14 3.15 26.18
N ASN A 387 -3.63 4.02 25.30
CA ASN A 387 -4.86 4.74 25.53
C ASN A 387 -5.68 4.57 24.27
N PRO A 388 -6.32 3.39 24.12
CA PRO A 388 -7.14 3.04 22.96
C PRO A 388 -8.37 3.90 22.73
N PRO A 389 -8.80 3.98 21.47
CA PRO A 389 -9.98 4.76 21.13
C PRO A 389 -11.20 4.06 21.73
N ARG A 390 -12.31 4.79 21.83
CA ARG A 390 -13.52 4.22 22.41
C ARG A 390 -13.91 2.81 21.94
N PRO A 391 -13.90 2.56 20.63
CA PRO A 391 -14.28 1.23 20.19
C PRO A 391 -13.46 0.08 20.76
N LYS A 392 -12.40 0.41 21.49
CA LYS A 392 -11.54 -0.61 22.12
C LYS A 392 -11.49 -0.42 23.64
N GLN A 393 -12.27 0.54 24.14
CA GLN A 393 -12.35 0.83 25.56
C GLN A 393 -13.36 -0.05 26.29
N GLY A 394 -13.17 -0.27 27.59
CA GLY A 394 -14.13 -1.06 28.32
C GLY A 394 -15.18 -0.13 28.91
N PHE A 395 -16.18 -0.68 29.57
CA PHE A 395 -17.18 0.18 30.18
C PHE A 395 -18.10 -0.66 31.07
N SER A 396 -19.02 0.01 31.76
CA SER A 396 -19.96 -0.72 32.58
C SER A 396 -21.32 -0.08 32.49
N ILE A 397 -22.36 -0.91 32.53
CA ILE A 397 -23.72 -0.39 32.56
C ILE A 397 -24.25 -0.87 33.90
N VAL A 398 -24.69 0.07 34.75
CA VAL A 398 -25.20 -0.30 36.04
C VAL A 398 -26.72 -0.18 36.03
N LEU A 399 -27.41 -1.25 36.37
CA LEU A 399 -28.85 -1.22 36.37
C LEU A 399 -29.31 -0.47 37.61
N GLY A 400 -29.81 0.74 37.38
CA GLY A 400 -30.25 1.60 38.46
C GLY A 400 -31.17 1.00 39.50
N ASN A 401 -31.17 1.59 40.69
CA ASN A 401 -32.00 1.15 41.80
C ASN A 401 -33.46 1.25 41.43
N SER A 402 -33.82 2.33 40.75
CA SER A 402 -35.22 2.56 40.35
C SER A 402 -35.78 1.50 39.41
N LEU A 403 -34.89 0.69 38.83
CA LEU A 403 -35.30 -0.35 37.86
C LEU A 403 -36.32 -1.35 38.36
N THR A 404 -37.44 -1.41 37.67
CA THR A 404 -38.52 -2.30 38.07
C THR A 404 -38.54 -3.64 37.36
N VAL A 405 -38.00 -3.68 36.15
CA VAL A 405 -37.98 -4.92 35.39
C VAL A 405 -37.08 -5.96 36.03
N SER A 406 -37.14 -7.17 35.51
CA SER A 406 -36.28 -8.23 36.02
C SER A 406 -34.85 -7.87 35.68
N ARG A 407 -34.03 -7.69 36.72
CA ARG A 407 -32.64 -7.35 36.49
C ARG A 407 -31.95 -8.55 35.84
N GLU A 408 -32.39 -9.76 36.19
CA GLU A 408 -31.78 -10.97 35.65
C GLU A 408 -31.97 -11.03 34.13
N GLN A 409 -33.20 -10.80 33.68
CA GLN A 409 -33.50 -10.83 32.27
C GLN A 409 -32.93 -9.66 31.48
N LEU A 410 -32.96 -8.45 32.05
CA LEU A 410 -32.42 -7.29 31.38
C LEU A 410 -30.91 -7.48 31.22
N SER A 411 -30.31 -8.18 32.18
CA SER A 411 -28.88 -8.42 32.14
C SER A 411 -28.53 -9.31 30.95
N ILE A 412 -29.19 -10.46 30.88
CA ILE A 412 -28.96 -11.40 29.81
C ILE A 412 -29.23 -10.72 28.46
N ALA A 413 -30.37 -10.04 28.35
CA ALA A 413 -30.69 -9.35 27.11
C ALA A 413 -29.51 -8.46 26.66
N LEU A 414 -28.97 -7.65 27.58
CA LEU A 414 -27.86 -6.78 27.19
C LEU A 414 -26.66 -7.65 26.78
N LEU A 415 -26.37 -8.70 27.53
CA LEU A 415 -25.24 -9.55 27.21
C LEU A 415 -25.35 -10.15 25.81
N SER A 416 -26.48 -10.79 25.57
CA SER A 416 -26.69 -11.39 24.27
C SER A 416 -26.66 -10.34 23.21
N THR A 417 -27.15 -9.14 23.50
CA THR A 417 -27.13 -8.12 22.47
C THR A 417 -25.72 -7.70 22.16
N PHE A 418 -24.95 -7.30 23.17
CA PHE A 418 -23.57 -6.86 22.94
C PHE A 418 -22.78 -7.96 22.25
N LEU A 419 -23.05 -9.21 22.62
CA LEU A 419 -22.35 -10.32 22.03
C LEU A 419 -22.46 -10.44 20.52
N GLN A 420 -23.59 -10.04 19.96
CA GLN A 420 -23.75 -10.15 18.54
C GLN A 420 -23.00 -9.10 17.73
N PHE A 421 -22.50 -8.07 18.40
CA PHE A 421 -21.77 -7.04 17.68
C PHE A 421 -20.36 -7.45 17.28
N GLY A 422 -19.70 -8.25 18.12
CA GLY A 422 -18.34 -8.66 17.82
C GLY A 422 -17.39 -7.47 17.76
N GLY A 423 -16.09 -7.72 17.82
CA GLY A 423 -15.15 -6.60 17.79
C GLY A 423 -14.07 -6.81 18.84
N GLY A 424 -13.98 -8.06 19.29
CA GLY A 424 -12.98 -8.41 20.27
C GLY A 424 -13.23 -8.02 21.70
N ARG A 425 -14.31 -7.32 22.02
CA ARG A 425 -14.58 -6.94 23.42
C ARG A 425 -15.13 -8.12 24.23
N TYR A 426 -14.67 -8.26 25.46
CA TYR A 426 -15.13 -9.35 26.33
C TYR A 426 -16.24 -8.83 27.21
N TYR A 427 -17.34 -9.58 27.34
CA TYR A 427 -18.44 -9.10 28.16
C TYR A 427 -18.76 -9.99 29.34
N LYS A 428 -19.32 -9.39 30.39
CA LYS A 428 -19.71 -10.15 31.57
C LYS A 428 -20.79 -9.50 32.45
N ILE A 429 -21.73 -10.33 32.93
CA ILE A 429 -22.73 -9.85 33.85
C ILE A 429 -21.87 -9.97 35.11
N PHE A 430 -21.69 -8.88 35.85
CA PHE A 430 -20.83 -8.90 37.04
C PHE A 430 -21.60 -8.56 38.31
N GLU A 431 -21.72 -9.54 39.19
CA GLU A 431 -22.43 -9.35 40.46
C GLU A 431 -21.43 -9.09 41.59
N HIS A 432 -21.49 -7.88 42.15
CA HIS A 432 -20.56 -7.47 43.21
C HIS A 432 -20.94 -7.76 44.67
N ASN A 433 -22.22 -7.90 44.95
CA ASN A 433 -22.65 -8.19 46.32
C ASN A 433 -22.03 -7.24 47.34
N ASN A 434 -21.86 -5.99 46.96
CA ASN A 434 -21.26 -5.00 47.84
C ASN A 434 -19.97 -5.40 48.50
N LYS A 435 -19.27 -6.39 47.96
CA LYS A 435 -18.00 -6.82 48.53
C LYS A 435 -16.90 -6.01 47.86
N THR A 436 -16.19 -5.19 48.63
CA THR A 436 -15.17 -4.35 48.03
C THR A 436 -14.12 -5.15 47.26
N GLU A 437 -13.93 -6.41 47.62
CA GLU A 437 -12.95 -7.20 46.91
C GLU A 437 -13.44 -7.42 45.47
N LEU A 438 -14.74 -7.25 45.25
CA LEU A 438 -15.29 -7.42 43.90
C LEU A 438 -15.37 -6.06 43.25
N LEU A 439 -15.87 -5.08 43.99
CA LEU A 439 -15.97 -3.71 43.49
C LEU A 439 -14.64 -3.16 42.96
N SER A 440 -13.56 -3.39 43.71
CA SER A 440 -12.22 -2.91 43.36
C SER A 440 -11.74 -3.51 42.05
N LEU A 441 -12.40 -4.56 41.58
CA LEU A 441 -12.03 -5.19 40.33
C LEU A 441 -12.72 -4.57 39.11
N ILE A 442 -13.79 -3.82 39.34
CA ILE A 442 -14.53 -3.22 38.25
C ILE A 442 -13.69 -2.44 37.27
N GLN A 443 -12.80 -1.59 37.79
CA GLN A 443 -11.94 -0.80 36.91
C GLN A 443 -10.86 -1.64 36.27
N ASP A 444 -10.57 -2.81 36.84
CA ASP A 444 -9.57 -3.66 36.25
C ASP A 444 -10.10 -4.16 34.92
N PHE A 445 -11.35 -4.62 34.92
CA PHE A 445 -11.99 -5.10 33.71
C PHE A 445 -12.10 -4.01 32.64
N ILE A 446 -12.63 -2.86 33.04
CA ILE A 446 -12.75 -1.74 32.13
C ILE A 446 -11.34 -1.43 31.58
N GLY A 447 -10.34 -1.50 32.44
CA GLY A 447 -9.00 -1.23 32.01
C GLY A 447 -8.56 -2.26 31.00
N SER A 448 -9.08 -3.48 31.13
CA SER A 448 -8.73 -4.59 30.25
C SER A 448 -9.57 -4.55 28.97
N GLY A 449 -10.48 -3.59 28.90
CA GLY A 449 -11.29 -3.41 27.71
C GLY A 449 -12.63 -4.12 27.68
N SER A 450 -12.94 -4.81 28.76
CA SER A 450 -14.18 -5.54 28.84
C SER A 450 -15.41 -4.67 29.12
N GLY A 451 -16.57 -5.19 28.78
CA GLY A 451 -17.80 -4.47 29.04
C GLY A 451 -18.55 -5.21 30.15
N LEU A 452 -18.87 -4.52 31.23
CA LEU A 452 -19.56 -5.17 32.32
C LEU A 452 -21.01 -4.76 32.45
N ILE A 453 -21.87 -5.73 32.73
CA ILE A 453 -23.29 -5.47 32.93
C ILE A 453 -23.53 -5.73 34.41
N ILE A 454 -23.70 -4.66 35.19
CA ILE A 454 -23.90 -4.77 36.63
C ILE A 454 -25.37 -4.58 37.03
N PRO A 455 -26.06 -5.67 37.39
CA PRO A 455 -27.47 -5.67 37.78
C PRO A 455 -27.92 -4.84 39.00
N ASN A 456 -26.98 -4.43 39.86
CA ASN A 456 -27.36 -3.63 41.02
C ASN A 456 -26.32 -2.61 41.39
N GLN A 457 -26.77 -1.54 42.03
CA GLN A 457 -25.86 -0.50 42.47
C GLN A 457 -25.20 -1.00 43.73
N TRP A 458 -24.13 -0.31 44.13
CA TRP A 458 -23.43 -0.66 45.34
C TRP A 458 -23.79 0.43 46.35
N GLU A 459 -23.86 0.06 47.63
CA GLU A 459 -24.19 1.03 48.66
C GLU A 459 -23.25 2.24 48.56
N ASP A 460 -23.78 3.42 48.84
CA ASP A 460 -23.01 4.67 48.78
C ASP A 460 -21.72 4.68 49.62
N ASP A 461 -21.68 3.88 50.68
CA ASP A 461 -20.47 3.86 51.50
C ASP A 461 -19.33 3.18 50.75
N LYS A 462 -19.68 2.47 49.68
CA LYS A 462 -18.70 1.76 48.86
C LYS A 462 -18.33 2.48 47.57
N ASP A 463 -19.16 3.44 47.18
CA ASP A 463 -18.94 4.18 45.95
C ASP A 463 -17.50 4.62 45.69
N SER A 464 -16.74 4.86 46.75
CA SER A 464 -15.36 5.30 46.62
C SER A 464 -14.41 4.20 46.14
N VAL A 465 -14.76 2.94 46.39
CA VAL A 465 -13.92 1.83 45.97
C VAL A 465 -13.91 1.66 44.46
N VAL A 466 -14.92 2.22 43.79
CA VAL A 466 -15.06 2.08 42.35
C VAL A 466 -14.69 3.33 41.57
N GLY A 467 -13.82 3.18 40.57
CA GLY A 467 -13.44 4.30 39.75
C GLY A 467 -14.55 4.67 38.78
N LYS A 468 -15.06 5.89 38.92
CA LYS A 468 -16.12 6.43 38.07
C LYS A 468 -15.96 6.29 36.54
N GLN A 469 -14.73 6.09 36.09
CA GLN A 469 -14.36 5.98 34.67
C GLN A 469 -15.13 4.96 33.81
N ASN A 470 -15.77 5.47 32.76
CA ASN A 470 -16.55 4.64 31.82
C ASN A 470 -17.65 3.79 32.47
N VAL A 471 -18.17 4.29 33.57
CA VAL A 471 -19.22 3.62 34.32
C VAL A 471 -20.52 4.41 34.15
N TYR A 472 -21.48 3.82 33.48
CA TYR A 472 -22.73 4.53 33.23
C TYR A 472 -23.91 3.97 34.01
N LEU A 473 -24.73 4.88 34.50
CA LEU A 473 -25.91 4.52 35.28
C LEU A 473 -27.15 4.53 34.40
N LEU A 474 -27.83 3.40 34.36
CA LEU A 474 -29.07 3.24 33.59
C LEU A 474 -30.21 3.38 34.62
N ASP A 475 -30.98 4.46 34.55
CA ASP A 475 -32.01 4.68 35.57
C ASP A 475 -33.01 5.77 35.15
N THR A 476 -34.08 5.94 35.91
CA THR A 476 -35.06 6.97 35.59
C THR A 476 -34.66 8.31 36.16
N SER A 477 -33.75 8.29 37.13
CA SER A 477 -33.24 9.48 37.77
C SER A 477 -32.66 10.45 36.75
N SER A 478 -32.61 11.72 37.12
CA SER A 478 -32.06 12.75 36.26
C SER A 478 -30.52 12.63 36.29
N SER A 479 -30.00 12.04 37.36
CA SER A 479 -28.57 11.88 37.47
C SER A 479 -28.08 10.59 36.79
N ALA A 480 -28.96 9.98 36.00
CA ALA A 480 -28.62 8.75 35.29
C ALA A 480 -27.95 9.14 33.98
N ASP A 481 -26.90 8.41 33.60
CA ASP A 481 -26.18 8.70 32.35
C ASP A 481 -27.03 8.30 31.16
N ILE A 482 -27.86 7.30 31.36
CA ILE A 482 -28.76 6.78 30.33
C ILE A 482 -30.11 6.78 31.02
N GLN A 483 -30.92 7.81 30.74
CA GLN A 483 -32.21 7.97 31.39
C GLN A 483 -33.34 7.16 30.81
N LEU A 484 -34.02 6.40 31.64
CA LEU A 484 -35.17 5.62 31.20
C LEU A 484 -36.47 6.40 31.38
N GLU A 485 -37.44 6.05 30.53
CA GLU A 485 -38.76 6.68 30.51
C GLU A 485 -39.55 6.36 31.79
N SER A 486 -39.54 5.10 32.17
CA SER A 486 -40.25 4.65 33.36
C SER A 486 -39.46 3.49 33.91
N ALA A 487 -39.60 3.22 35.21
CA ALA A 487 -38.84 2.15 35.82
C ALA A 487 -39.17 0.77 35.26
N ASP A 488 -40.33 0.66 34.62
CA ASP A 488 -40.77 -0.63 34.09
C ASP A 488 -40.78 -0.68 32.56
N GLU A 489 -40.06 0.22 31.92
CA GLU A 489 -39.97 0.25 30.46
C GLU A 489 -39.57 -1.14 29.96
N PRO A 490 -40.22 -1.63 28.90
CA PRO A 490 -39.88 -2.96 28.40
C PRO A 490 -38.41 -3.16 27.96
N ILE A 491 -37.88 -4.33 28.28
CA ILE A 491 -36.49 -4.66 27.98
C ILE A 491 -35.96 -4.28 26.58
N SER A 492 -36.62 -4.73 25.54
CA SER A 492 -36.14 -4.37 24.22
C SER A 492 -36.00 -2.84 24.06
N HIS A 493 -36.83 -2.06 24.76
CA HIS A 493 -36.73 -0.62 24.65
C HIS A 493 -35.49 -0.15 25.41
N ILE A 494 -35.32 -0.71 26.60
CA ILE A 494 -34.18 -0.35 27.44
C ILE A 494 -32.92 -0.72 26.67
N VAL A 495 -32.96 -1.87 26.04
CA VAL A 495 -31.81 -2.37 25.31
C VAL A 495 -31.38 -1.42 24.17
N GLN A 496 -32.36 -0.97 23.40
CA GLN A 496 -32.03 -0.09 22.28
C GLN A 496 -31.45 1.20 22.85
N LYS A 497 -32.06 1.72 23.92
CA LYS A 497 -31.55 2.92 24.56
C LYS A 497 -30.06 2.70 24.94
N VAL A 498 -29.74 1.59 25.59
CA VAL A 498 -28.35 1.35 26.01
C VAL A 498 -27.40 1.24 24.81
N VAL A 499 -27.80 0.45 23.82
CA VAL A 499 -26.97 0.26 22.62
C VAL A 499 -26.71 1.56 21.87
N LEU A 500 -27.77 2.33 21.63
CA LEU A 500 -27.62 3.57 20.91
C LEU A 500 -26.81 4.59 21.70
N PHE A 501 -26.85 4.52 23.04
CA PHE A 501 -26.09 5.43 23.89
C PHE A 501 -24.60 5.08 23.73
N LEU A 502 -24.30 3.79 23.81
CA LEU A 502 -22.92 3.34 23.67
C LEU A 502 -22.41 3.60 22.28
N GLU A 503 -23.32 3.55 21.30
CA GLU A 503 -22.90 3.79 19.95
C GLU A 503 -22.60 5.27 19.79
N ASP A 504 -23.44 6.09 20.39
CA ASP A 504 -23.23 7.51 20.32
C ASP A 504 -21.89 7.92 20.94
N ASN A 505 -21.46 7.19 21.98
CA ASN A 505 -20.21 7.52 22.65
C ASN A 505 -19.00 6.73 22.14
N GLY A 506 -19.10 6.27 20.89
CA GLY A 506 -18.02 5.54 20.27
C GLY A 506 -17.60 4.14 20.69
N PHE A 507 -18.24 3.56 21.70
CA PHE A 507 -17.85 2.20 22.12
C PHE A 507 -18.14 1.13 21.09
N PHE A 508 -19.17 1.36 20.28
CA PHE A 508 -19.56 0.44 19.21
C PHE A 508 -19.50 1.20 17.91
N VAL A 509 -19.00 0.54 16.88
CA VAL A 509 -18.93 1.15 15.56
C VAL A 509 -19.36 0.08 14.57
N PHE A 510 -20.34 0.40 13.74
CA PHE A 510 -20.84 -0.58 12.79
C PHE A 510 -20.56 -0.09 11.38
N PRO B 1 22.53 -4.07 -46.48
CA PRO B 1 22.79 -4.96 -47.62
C PRO B 1 21.96 -4.54 -48.80
N ALA B 2 22.39 -4.96 -49.97
CA ALA B 2 21.67 -4.60 -51.17
C ALA B 2 20.29 -5.24 -51.18
N PRO B 3 19.27 -4.48 -51.59
CA PRO B 3 17.94 -5.12 -51.60
C PRO B 3 18.00 -6.40 -52.46
N HIS B 4 17.16 -7.38 -52.11
CA HIS B 4 17.11 -8.66 -52.82
C HIS B 4 16.87 -8.42 -54.31
N GLY B 5 17.76 -8.98 -55.13
CA GLY B 5 17.64 -8.78 -56.56
C GLY B 5 18.52 -7.61 -56.98
N GLY B 6 19.09 -6.92 -56.03
CA GLY B 6 19.98 -5.81 -56.32
C GLY B 6 19.40 -4.42 -56.42
N ILE B 7 18.14 -4.31 -56.82
CA ILE B 7 17.47 -3.03 -56.98
C ILE B 7 16.19 -2.88 -56.13
N LEU B 8 16.14 -1.88 -55.27
CA LEU B 8 14.94 -1.71 -54.46
C LEU B 8 13.86 -1.32 -55.43
N GLN B 9 12.80 -2.11 -55.51
CA GLN B 9 11.72 -1.79 -56.42
C GLN B 9 10.65 -0.87 -55.86
N ASP B 10 11.07 0.30 -55.38
CA ASP B 10 10.14 1.29 -54.84
C ASP B 10 9.36 1.94 -56.01
N LEU B 11 8.26 1.31 -56.41
CA LEU B 11 7.43 1.79 -57.52
C LEU B 11 6.74 3.12 -57.26
N ILE B 12 6.54 3.49 -55.99
CA ILE B 12 5.93 4.77 -55.72
C ILE B 12 6.93 5.80 -56.24
N ALA B 13 8.19 5.61 -55.90
CA ALA B 13 9.24 6.51 -56.34
C ALA B 13 9.32 6.44 -57.86
N ARG B 14 9.49 5.23 -58.38
CA ARG B 14 9.61 5.01 -59.81
C ARG B 14 8.54 5.67 -60.68
N ASP B 15 7.28 5.48 -60.31
CA ASP B 15 6.18 5.99 -61.09
C ASP B 15 5.66 7.37 -60.75
N ALA B 16 6.37 8.07 -59.86
CA ALA B 16 5.97 9.41 -59.41
C ALA B 16 5.35 10.33 -60.48
N LEU B 17 6.11 10.58 -61.55
CA LEU B 17 5.64 11.47 -62.62
C LEU B 17 4.47 10.96 -63.47
N LYS B 18 4.05 9.72 -63.21
CA LYS B 18 2.92 9.10 -63.90
C LYS B 18 1.72 9.10 -62.97
N LYS B 19 1.92 9.60 -61.76
CA LYS B 19 0.89 9.64 -60.75
C LYS B 19 -0.43 10.16 -61.32
N ASN B 20 -0.42 11.41 -61.77
CA ASN B 20 -1.62 12.01 -62.31
C ASN B 20 -2.25 11.24 -63.45
N GLU B 21 -1.41 10.80 -64.37
CA GLU B 21 -1.91 10.06 -65.52
C GLU B 21 -2.54 8.74 -65.08
N LEU B 22 -1.80 7.96 -64.28
CA LEU B 22 -2.29 6.68 -63.78
C LEU B 22 -3.61 6.89 -63.05
N LEU B 23 -3.68 7.97 -62.28
CA LEU B 23 -4.88 8.28 -61.51
C LEU B 23 -6.08 8.49 -62.44
N SER B 24 -5.83 9.13 -63.57
CA SER B 24 -6.89 9.40 -64.52
C SER B 24 -7.36 8.08 -65.16
N GLU B 25 -6.42 7.23 -65.56
CA GLU B 25 -6.78 5.96 -66.15
C GLU B 25 -7.56 5.14 -65.14
N ALA B 26 -7.10 5.17 -63.90
CA ALA B 26 -7.75 4.42 -62.83
C ALA B 26 -9.23 4.77 -62.65
N GLN B 27 -9.57 6.05 -62.82
CA GLN B 27 -10.94 6.48 -62.63
C GLN B 27 -11.76 6.65 -63.91
N SER B 28 -11.17 6.26 -65.03
CA SER B 28 -11.85 6.35 -66.31
C SER B 28 -12.92 5.25 -66.31
N SER B 29 -14.11 5.58 -66.80
CA SER B 29 -15.23 4.64 -66.83
C SER B 29 -15.06 3.41 -67.71
N ASP B 30 -14.03 3.38 -68.54
CA ASP B 30 -13.84 2.24 -69.41
C ASP B 30 -13.01 1.08 -68.84
N ILE B 31 -12.05 1.41 -67.97
CA ILE B 31 -11.17 0.41 -67.38
C ILE B 31 -11.88 -0.57 -66.43
N LEU B 32 -11.37 -1.79 -66.40
CA LEU B 32 -11.94 -2.81 -65.53
C LEU B 32 -11.40 -2.64 -64.10
N VAL B 33 -12.28 -2.78 -63.11
CA VAL B 33 -11.87 -2.59 -61.72
C VAL B 33 -12.00 -3.78 -60.78
N TRP B 34 -10.97 -4.00 -59.98
CA TRP B 34 -10.95 -5.07 -59.00
C TRP B 34 -10.71 -4.47 -57.62
N ASN B 35 -11.62 -4.73 -56.69
CA ASN B 35 -11.40 -4.18 -55.37
C ASN B 35 -10.57 -5.15 -54.55
N LEU B 36 -9.37 -4.72 -54.16
CA LEU B 36 -8.42 -5.54 -53.39
C LEU B 36 -8.96 -6.11 -52.08
N THR B 37 -8.70 -7.39 -51.84
CA THR B 37 -9.12 -8.04 -50.61
C THR B 37 -8.11 -7.59 -49.55
N PRO B 38 -8.45 -7.77 -48.27
CA PRO B 38 -7.54 -7.37 -47.19
C PRO B 38 -6.14 -7.92 -47.33
N ARG B 39 -5.99 -9.21 -47.57
CA ARG B 39 -4.63 -9.72 -47.70
C ARG B 39 -3.94 -9.10 -48.91
N GLN B 40 -4.69 -8.90 -49.98
CA GLN B 40 -4.09 -8.34 -51.18
C GLN B 40 -3.60 -6.94 -50.90
N LEU B 41 -4.32 -6.21 -50.04
CA LEU B 41 -3.91 -4.86 -49.72
C LEU B 41 -2.55 -4.88 -49.04
N CYS B 42 -2.31 -5.91 -48.24
CA CYS B 42 -1.05 -6.05 -47.54
C CYS B 42 0.07 -6.33 -48.51
N ASP B 43 -0.20 -7.28 -49.41
CA ASP B 43 0.77 -7.66 -50.42
C ASP B 43 1.07 -6.48 -51.36
N ILE B 44 0.02 -5.86 -51.90
CA ILE B 44 0.19 -4.76 -52.85
C ILE B 44 1.06 -3.67 -52.23
N GLU B 45 0.92 -3.45 -50.92
CA GLU B 45 1.72 -2.41 -50.31
C GLU B 45 3.21 -2.78 -50.22
N LEU B 46 3.50 -4.06 -50.02
CA LEU B 46 4.87 -4.51 -49.94
C LEU B 46 5.46 -4.61 -51.36
N ILE B 47 4.60 -4.72 -52.37
CA ILE B 47 5.14 -4.79 -53.71
C ILE B 47 5.45 -3.37 -54.18
N LEU B 48 4.53 -2.43 -53.96
CA LEU B 48 4.77 -1.07 -54.43
C LEU B 48 5.92 -0.30 -53.72
N ASN B 49 6.18 -0.62 -52.45
CA ASN B 49 7.25 0.08 -51.73
C ASN B 49 8.63 -0.53 -51.81
N GLY B 50 8.78 -1.68 -52.48
CA GLY B 50 10.08 -2.31 -52.58
C GLY B 50 10.29 -3.44 -51.58
N GLY B 51 9.35 -3.58 -50.64
CA GLY B 51 9.43 -4.63 -49.63
C GLY B 51 9.57 -6.05 -50.16
N PHE B 52 9.02 -6.28 -51.34
CA PHE B 52 9.07 -7.58 -51.97
C PHE B 52 10.07 -7.62 -53.15
N SER B 53 11.04 -6.71 -53.14
CA SER B 53 12.02 -6.69 -54.21
C SER B 53 12.54 -8.12 -54.29
N PRO B 54 12.77 -8.65 -55.50
CA PRO B 54 12.60 -7.99 -56.80
C PRO B 54 11.23 -7.94 -57.44
N LEU B 55 10.17 -8.36 -56.75
CA LEU B 55 8.83 -8.32 -57.35
C LEU B 55 8.38 -6.93 -57.81
N THR B 56 7.60 -6.90 -58.88
CA THR B 56 7.06 -5.62 -59.39
C THR B 56 5.61 -5.81 -59.81
N GLY B 57 5.01 -6.90 -59.35
CA GLY B 57 3.62 -7.20 -59.68
C GLY B 57 3.27 -8.53 -59.07
N PHE B 58 2.09 -9.07 -59.39
CA PHE B 58 1.67 -10.37 -58.87
C PHE B 58 2.16 -11.47 -59.79
N LEU B 59 2.71 -12.53 -59.20
CA LEU B 59 3.28 -13.65 -59.96
C LEU B 59 2.45 -14.28 -61.07
N ASN B 60 3.03 -14.37 -62.26
CA ASN B 60 2.38 -15.01 -63.39
C ASN B 60 2.57 -16.50 -63.12
N GLU B 61 1.94 -17.34 -63.93
CA GLU B 61 2.03 -18.77 -63.72
C GLU B 61 3.45 -19.33 -63.71
N ASN B 62 4.28 -18.81 -64.60
CA ASN B 62 5.66 -19.27 -64.71
C ASN B 62 6.46 -19.05 -63.44
N ASP B 63 6.38 -17.84 -62.88
CA ASP B 63 7.10 -17.52 -61.67
C ASP B 63 6.43 -18.21 -60.49
N TYR B 64 5.10 -18.21 -60.51
CA TYR B 64 4.30 -18.82 -59.44
C TYR B 64 4.61 -20.31 -59.20
N SER B 65 4.64 -21.10 -60.27
CA SER B 65 4.91 -22.53 -60.16
C SER B 65 6.36 -22.80 -59.83
N SER B 66 7.22 -21.84 -60.18
CA SER B 66 8.64 -21.99 -59.91
C SER B 66 8.83 -21.80 -58.41
N VAL B 67 8.03 -20.93 -57.82
CA VAL B 67 8.11 -20.67 -56.40
C VAL B 67 7.54 -21.87 -55.63
N VAL B 68 6.46 -22.45 -56.18
CA VAL B 68 5.81 -23.59 -55.55
C VAL B 68 6.73 -24.78 -55.48
N THR B 69 7.30 -25.15 -56.62
CA THR B 69 8.19 -26.32 -56.73
C THR B 69 9.68 -26.10 -56.55
N ASP B 70 10.14 -24.85 -56.63
CA ASP B 70 11.57 -24.57 -56.52
C ASP B 70 12.02 -23.58 -55.45
N SER B 71 11.08 -22.94 -54.76
CA SER B 71 11.41 -21.92 -53.75
C SER B 71 12.20 -20.79 -54.44
N ARG B 72 11.98 -20.64 -55.74
CA ARG B 72 12.69 -19.63 -56.53
C ARG B 72 11.80 -19.12 -57.60
N LEU B 73 12.07 -17.90 -58.02
CA LEU B 73 11.35 -17.30 -59.12
C LEU B 73 11.84 -18.04 -60.37
N ALA B 74 11.20 -17.82 -61.50
CA ALA B 74 11.60 -18.50 -62.72
C ALA B 74 13.07 -18.26 -63.05
N ASP B 75 13.57 -17.05 -62.78
CA ASP B 75 14.97 -16.68 -63.06
C ASP B 75 15.98 -17.15 -62.04
N GLY B 76 15.54 -17.95 -61.08
CA GLY B 76 16.43 -18.45 -60.06
C GLY B 76 16.47 -17.71 -58.74
N THR B 77 15.97 -16.47 -58.72
CA THR B 77 15.98 -15.69 -57.49
C THR B 77 15.28 -16.40 -56.34
N LEU B 78 15.99 -16.56 -55.23
CA LEU B 78 15.43 -17.23 -54.06
C LEU B 78 14.17 -16.55 -53.58
N TRP B 79 13.04 -17.26 -53.60
CA TRP B 79 11.77 -16.68 -53.15
C TRP B 79 10.79 -17.81 -52.78
N THR B 80 10.41 -17.88 -51.50
CA THR B 80 9.58 -18.98 -50.99
C THR B 80 8.07 -18.89 -50.82
N ILE B 81 7.49 -17.70 -50.89
CA ILE B 81 6.06 -17.55 -50.68
C ILE B 81 5.47 -16.97 -51.94
N PRO B 82 4.46 -17.64 -52.54
CA PRO B 82 3.86 -17.10 -53.77
C PRO B 82 2.99 -15.87 -53.52
N ILE B 83 3.24 -14.80 -54.25
CA ILE B 83 2.40 -13.64 -54.05
C ILE B 83 1.57 -13.52 -55.31
N THR B 84 0.29 -13.82 -55.19
CA THR B 84 -0.61 -13.78 -56.33
C THR B 84 -1.88 -13.00 -56.10
N LEU B 85 -2.48 -12.56 -57.19
CA LEU B 85 -3.74 -11.81 -57.16
C LEU B 85 -4.82 -12.81 -57.50
N ASP B 86 -5.49 -13.29 -56.46
CA ASP B 86 -6.56 -14.28 -56.59
C ASP B 86 -7.94 -13.65 -56.83
N VAL B 87 -8.62 -14.08 -57.90
CA VAL B 87 -9.94 -13.55 -58.22
C VAL B 87 -10.90 -14.71 -58.51
N ASP B 88 -12.19 -14.36 -58.69
CA ASP B 88 -13.22 -15.35 -58.98
C ASP B 88 -13.43 -15.52 -60.51
N GLU B 89 -14.05 -16.64 -60.89
CA GLU B 89 -14.31 -16.97 -62.30
C GLU B 89 -14.98 -15.81 -63.05
N ALA B 90 -15.98 -15.21 -62.43
CA ALA B 90 -16.68 -14.08 -63.05
C ALA B 90 -15.71 -13.01 -63.53
N PHE B 91 -14.85 -12.53 -62.63
CA PHE B 91 -13.92 -11.49 -62.99
C PHE B 91 -12.85 -12.04 -63.94
N ALA B 92 -12.36 -13.24 -63.64
CA ALA B 92 -11.31 -13.85 -64.45
C ALA B 92 -11.64 -13.85 -65.94
N ASN B 93 -12.91 -14.09 -66.24
CA ASN B 93 -13.40 -14.18 -67.62
C ASN B 93 -13.46 -12.88 -68.40
N GLN B 94 -13.32 -11.76 -67.71
CA GLN B 94 -13.39 -10.48 -68.37
C GLN B 94 -12.05 -9.93 -68.77
N ILE B 95 -10.99 -10.69 -68.51
CA ILE B 95 -9.63 -10.24 -68.81
C ILE B 95 -8.80 -11.17 -69.67
N LYS B 96 -7.93 -10.57 -70.47
CA LYS B 96 -7.01 -11.29 -71.34
C LYS B 96 -5.63 -10.64 -71.21
N PRO B 97 -4.59 -11.25 -71.78
CA PRO B 97 -3.29 -10.59 -71.63
C PRO B 97 -3.31 -9.20 -72.29
N ASP B 98 -2.40 -8.35 -71.85
CA ASP B 98 -2.28 -6.98 -72.35
C ASP B 98 -3.32 -6.05 -71.73
N THR B 99 -4.37 -6.62 -71.16
CA THR B 99 -5.43 -5.82 -70.51
C THR B 99 -4.89 -5.08 -69.28
N ARG B 100 -5.40 -3.88 -69.04
CA ARG B 100 -4.99 -3.08 -67.88
C ARG B 100 -6.16 -2.99 -66.90
N ILE B 101 -5.89 -3.37 -65.65
CA ILE B 101 -6.92 -3.31 -64.61
C ILE B 101 -6.56 -2.31 -63.53
N ALA B 102 -7.59 -1.64 -63.00
CA ALA B 102 -7.39 -0.67 -61.93
C ALA B 102 -7.64 -1.37 -60.59
N LEU B 103 -6.68 -1.30 -59.69
CA LEU B 103 -6.83 -1.94 -58.41
C LEU B 103 -7.20 -0.90 -57.35
N PHE B 104 -8.41 -1.04 -56.82
CA PHE B 104 -8.94 -0.14 -55.80
C PHE B 104 -8.98 -0.68 -54.38
N GLN B 105 -9.09 0.26 -53.46
CA GLN B 105 -9.17 -0.05 -52.04
C GLN B 105 -10.51 0.52 -51.59
N ASP B 106 -11.35 -0.32 -50.99
CA ASP B 106 -12.66 0.10 -50.50
C ASP B 106 -13.48 0.65 -51.66
N ASP B 107 -13.31 0.07 -52.83
CA ASP B 107 -14.04 0.52 -54.01
C ASP B 107 -14.13 2.02 -54.01
N GLU B 108 -13.00 2.67 -53.73
CA GLU B 108 -12.95 4.11 -53.69
C GLU B 108 -11.56 4.72 -53.89
N ILE B 109 -10.54 4.15 -53.27
CA ILE B 109 -9.21 4.70 -53.46
C ILE B 109 -8.42 3.88 -54.47
N PRO B 110 -8.07 4.48 -55.61
CA PRO B 110 -7.29 3.73 -56.62
C PRO B 110 -5.84 3.51 -56.16
N ILE B 111 -5.41 2.25 -56.11
CA ILE B 111 -4.07 1.94 -55.64
C ILE B 111 -3.04 1.80 -56.76
N ALA B 112 -3.37 1.00 -57.79
CA ALA B 112 -2.43 0.80 -58.88
C ALA B 112 -3.07 0.26 -60.15
N ILE B 113 -2.28 0.23 -61.22
CA ILE B 113 -2.74 -0.30 -62.48
C ILE B 113 -1.90 -1.56 -62.74
N LEU B 114 -2.60 -2.65 -62.91
CA LEU B 114 -1.97 -3.92 -63.14
C LEU B 114 -2.09 -4.25 -64.63
N THR B 115 -0.97 -4.51 -65.30
CA THR B 115 -1.03 -4.88 -66.70
C THR B 115 -0.97 -6.40 -66.71
N VAL B 116 -2.05 -7.02 -67.19
CA VAL B 116 -2.15 -8.47 -67.21
C VAL B 116 -1.15 -9.20 -68.11
N GLN B 117 -0.58 -10.26 -67.56
CA GLN B 117 0.38 -11.08 -68.28
C GLN B 117 -0.32 -12.41 -68.59
N ASP B 118 -1.10 -12.89 -67.62
CA ASP B 118 -1.84 -14.13 -67.79
C ASP B 118 -2.90 -14.35 -66.71
N VAL B 119 -3.84 -15.25 -67.01
CA VAL B 119 -4.94 -15.57 -66.08
C VAL B 119 -4.97 -17.09 -66.01
N TYR B 120 -4.62 -17.66 -64.86
CA TYR B 120 -4.60 -19.11 -64.71
C TYR B 120 -5.40 -19.63 -63.53
N LYS B 121 -5.62 -20.95 -63.51
CA LYS B 121 -6.37 -21.56 -62.43
C LYS B 121 -5.50 -22.53 -61.66
N PRO B 122 -4.79 -22.03 -60.62
CA PRO B 122 -3.92 -22.88 -59.80
C PRO B 122 -4.54 -24.10 -59.17
N ASN B 123 -3.73 -25.15 -59.03
CA ASN B 123 -4.16 -26.37 -58.39
C ASN B 123 -3.86 -26.16 -56.90
N LYS B 124 -4.87 -25.65 -56.19
CA LYS B 124 -4.70 -25.35 -54.77
C LYS B 124 -4.18 -26.46 -53.88
N THR B 125 -4.33 -27.71 -54.32
CA THR B 125 -3.84 -28.81 -53.51
C THR B 125 -2.31 -28.89 -53.56
N ILE B 126 -1.74 -28.63 -54.73
CA ILE B 126 -0.28 -28.67 -54.85
C ILE B 126 0.33 -27.51 -54.07
N GLU B 127 -0.27 -26.33 -54.23
CA GLU B 127 0.23 -25.16 -53.53
C GLU B 127 0.14 -25.43 -52.03
N ALA B 128 -1.00 -25.97 -51.62
CA ALA B 128 -1.23 -26.28 -50.22
C ALA B 128 -0.21 -27.26 -49.66
N GLU B 129 0.06 -28.31 -50.44
CA GLU B 129 1.00 -29.34 -49.99
C GLU B 129 2.47 -28.99 -50.14
N LYS B 130 2.89 -28.44 -51.29
CA LYS B 130 4.30 -28.09 -51.49
C LYS B 130 4.72 -26.85 -50.74
N VAL B 131 3.82 -25.88 -50.62
CA VAL B 131 4.17 -24.63 -49.94
C VAL B 131 3.90 -24.56 -48.45
N PHE B 132 2.77 -25.11 -48.03
CA PHE B 132 2.38 -25.03 -46.62
C PHE B 132 2.37 -26.37 -45.85
N ARG B 133 2.83 -27.43 -46.51
CA ARG B 133 2.90 -28.77 -45.91
C ARG B 133 1.60 -29.57 -45.83
N GLY B 134 0.59 -29.16 -46.57
CA GLY B 134 -0.66 -29.91 -46.64
C GLY B 134 -1.74 -30.06 -45.58
N ASP B 135 -1.41 -29.92 -44.29
CA ASP B 135 -2.41 -30.07 -43.23
C ASP B 135 -3.55 -29.03 -43.37
N PRO B 136 -4.78 -29.50 -43.61
CA PRO B 136 -6.01 -28.71 -43.80
C PRO B 136 -6.32 -27.68 -42.73
N GLU B 137 -5.66 -27.82 -41.59
CA GLU B 137 -5.85 -26.89 -40.49
C GLU B 137 -4.85 -25.75 -40.55
N HIS B 138 -3.76 -25.92 -41.30
CA HIS B 138 -2.75 -24.85 -41.45
C HIS B 138 -3.44 -23.57 -41.91
N PRO B 139 -3.22 -22.44 -41.21
CA PRO B 139 -3.84 -21.15 -41.56
C PRO B 139 -3.79 -20.74 -43.02
N ALA B 140 -2.64 -20.91 -43.66
CA ALA B 140 -2.51 -20.53 -45.06
C ALA B 140 -3.35 -21.43 -45.98
N ILE B 141 -3.43 -22.72 -45.65
CA ILE B 141 -4.18 -23.66 -46.47
C ILE B 141 -5.67 -23.39 -46.40
N SER B 142 -6.11 -23.08 -45.19
CA SER B 142 -7.51 -22.78 -44.93
C SER B 142 -7.92 -21.53 -45.70
N TYR B 143 -7.04 -20.54 -45.71
CA TYR B 143 -7.30 -19.30 -46.42
C TYR B 143 -7.40 -19.62 -47.93
N LEU B 144 -6.43 -20.39 -48.42
CA LEU B 144 -6.35 -20.75 -49.83
C LEU B 144 -7.60 -21.42 -50.36
N PHE B 145 -8.18 -22.31 -49.56
CA PHE B 145 -9.39 -23.01 -49.99
C PHE B 145 -10.69 -22.35 -49.61
N ASN B 146 -10.69 -21.54 -48.56
CA ASN B 146 -11.94 -20.92 -48.11
C ASN B 146 -12.10 -19.43 -48.33
N VAL B 147 -11.01 -18.73 -48.66
CA VAL B 147 -11.11 -17.29 -48.86
C VAL B 147 -10.50 -16.85 -50.16
N ALA B 148 -9.46 -17.54 -50.59
CA ALA B 148 -8.77 -17.15 -51.82
C ALA B 148 -9.59 -17.41 -53.07
N GLY B 149 -9.42 -16.58 -54.09
CA GLY B 149 -10.14 -16.83 -55.33
C GLY B 149 -9.55 -18.08 -55.98
N ASP B 150 -10.26 -18.66 -56.93
CA ASP B 150 -9.74 -19.86 -57.59
C ASP B 150 -8.94 -19.51 -58.86
N TYR B 151 -8.82 -18.21 -59.16
CA TYR B 151 -8.04 -17.77 -60.31
C TYR B 151 -6.99 -16.74 -59.91
N TYR B 152 -5.81 -16.87 -60.48
CA TYR B 152 -4.71 -15.93 -60.23
C TYR B 152 -4.46 -15.06 -61.48
N VAL B 153 -4.11 -13.80 -61.25
CA VAL B 153 -3.85 -12.92 -62.37
C VAL B 153 -2.42 -12.40 -62.29
N GLY B 154 -1.54 -12.97 -63.08
CA GLY B 154 -0.16 -12.52 -63.11
C GLY B 154 -0.11 -11.20 -63.87
N GLY B 155 0.82 -10.33 -63.51
CA GLY B 155 0.91 -9.06 -64.20
C GLY B 155 1.78 -8.08 -63.46
N SER B 156 2.23 -7.05 -64.15
CA SER B 156 3.08 -6.02 -63.59
C SER B 156 2.27 -4.85 -63.06
N LEU B 157 2.81 -4.16 -62.06
CA LEU B 157 2.14 -3.03 -61.46
C LEU B 157 2.76 -1.69 -61.84
N GLU B 158 1.96 -0.65 -61.64
CA GLU B 158 2.38 0.74 -61.83
C GLU B 158 1.66 1.39 -60.65
N ALA B 159 2.42 1.89 -59.67
CA ALA B 159 1.86 2.48 -58.46
C ALA B 159 1.19 3.82 -58.52
N ILE B 160 0.06 3.95 -57.83
CA ILE B 160 -0.64 5.22 -57.71
C ILE B 160 -0.40 5.71 -56.26
N GLN B 161 -0.52 4.81 -55.30
CA GLN B 161 -0.28 5.13 -53.90
C GLN B 161 -0.39 3.86 -53.08
N LEU B 162 0.33 3.79 -51.96
CA LEU B 162 0.28 2.62 -51.07
C LEU B 162 -1.10 2.61 -50.45
N PRO B 163 -1.60 1.44 -50.04
CA PRO B 163 -2.93 1.39 -49.43
C PRO B 163 -3.02 2.35 -48.24
N GLN B 164 -4.21 2.90 -48.07
CA GLN B 164 -4.50 3.89 -47.04
C GLN B 164 -4.56 3.41 -45.59
N HIS B 165 -3.90 4.14 -44.70
CA HIS B 165 -3.91 3.80 -43.28
C HIS B 165 -4.11 5.07 -42.45
N TYR B 166 -5.01 5.05 -41.49
CA TYR B 166 -5.21 6.25 -40.68
C TYR B 166 -4.61 6.10 -39.29
N ASP B 167 -4.14 4.89 -38.97
CA ASP B 167 -3.53 4.67 -37.68
C ASP B 167 -2.02 4.56 -37.83
N TYR B 168 -1.31 5.04 -36.81
CA TYR B 168 0.14 5.01 -36.75
C TYR B 168 0.82 5.56 -38.01
N PRO B 169 0.35 6.73 -38.50
CA PRO B 169 0.92 7.34 -39.69
C PRO B 169 2.44 7.43 -39.65
N GLY B 170 2.99 7.86 -38.51
CA GLY B 170 4.44 7.96 -38.42
C GLY B 170 5.24 6.66 -38.41
N LEU B 171 4.66 5.59 -37.85
CA LEU B 171 5.35 4.32 -37.73
C LEU B 171 5.45 3.33 -38.89
N ARG B 172 4.57 3.41 -39.89
CA ARG B 172 4.67 2.43 -40.98
C ARG B 172 5.74 2.82 -42.02
N LYS B 173 7.00 2.77 -41.61
CA LYS B 173 8.10 3.17 -42.48
C LYS B 173 8.30 2.24 -43.67
N THR B 174 8.53 2.84 -44.83
CA THR B 174 8.77 2.07 -46.05
C THR B 174 10.27 1.73 -46.08
N PRO B 175 10.64 0.77 -46.93
CA PRO B 175 12.06 0.41 -47.00
C PRO B 175 12.96 1.66 -47.23
N ALA B 176 12.56 2.53 -48.14
CA ALA B 176 13.33 3.72 -48.40
C ALA B 176 13.44 4.58 -47.12
N GLN B 177 12.30 4.85 -46.49
CA GLN B 177 12.29 5.62 -45.25
C GLN B 177 13.08 4.97 -44.10
N LEU B 178 12.99 3.65 -43.95
CA LEU B 178 13.71 3.03 -42.85
C LEU B 178 15.19 3.26 -43.05
N ARG B 179 15.66 2.96 -44.26
CA ARG B 179 17.07 3.12 -44.56
C ARG B 179 17.52 4.52 -44.21
N LEU B 180 16.73 5.53 -44.55
CA LEU B 180 17.11 6.89 -44.21
C LEU B 180 17.22 7.07 -42.70
N GLU B 181 16.30 6.42 -41.98
CA GLU B 181 16.23 6.47 -40.53
C GLU B 181 17.53 5.97 -39.95
N PHE B 182 17.95 4.82 -40.44
CA PHE B 182 19.18 4.17 -39.98
C PHE B 182 20.38 5.02 -40.30
N GLN B 183 20.34 5.69 -41.45
CA GLN B 183 21.44 6.54 -41.85
C GLN B 183 21.52 7.77 -40.97
N SER B 184 20.44 8.53 -40.87
CA SER B 184 20.48 9.72 -40.06
C SER B 184 21.12 9.39 -38.73
N ARG B 185 21.01 8.13 -38.33
CA ARG B 185 21.55 7.71 -37.05
C ARG B 185 22.93 7.06 -37.20
N GLN B 186 23.35 6.84 -38.44
CA GLN B 186 24.65 6.22 -38.72
C GLN B 186 24.65 4.81 -38.22
N TRP B 187 23.54 4.13 -38.47
CA TRP B 187 23.37 2.77 -38.08
C TRP B 187 23.72 1.95 -39.30
N ASP B 188 24.83 1.21 -39.24
CA ASP B 188 25.22 0.38 -40.36
C ASP B 188 25.11 -1.10 -40.04
N ARG B 189 24.74 -1.42 -38.80
CA ARG B 189 24.55 -2.79 -38.35
C ARG B 189 23.22 -2.74 -37.59
N VAL B 190 22.22 -3.44 -38.09
CA VAL B 190 20.91 -3.42 -37.47
C VAL B 190 20.30 -4.82 -37.48
N VAL B 191 20.02 -5.39 -36.32
CA VAL B 191 19.40 -6.71 -36.29
C VAL B 191 17.88 -6.53 -36.08
N ALA B 192 17.10 -7.08 -37.01
CA ALA B 192 15.65 -6.97 -36.99
C ALA B 192 15.00 -8.12 -36.28
N PHE B 193 13.97 -7.81 -35.48
CA PHE B 193 13.22 -8.82 -34.76
C PHE B 193 11.78 -8.86 -35.27
N GLN B 194 11.40 -9.98 -35.89
CA GLN B 194 10.04 -10.19 -36.39
C GLN B 194 9.16 -10.59 -35.20
N THR B 195 7.87 -10.31 -35.29
CA THR B 195 6.90 -10.71 -34.25
C THR B 195 5.44 -10.39 -34.58
N ARG B 196 4.55 -11.21 -34.04
CA ARG B 196 3.12 -11.05 -34.23
C ARG B 196 2.41 -11.13 -32.89
N ASN B 197 3.19 -11.28 -31.82
CA ASN B 197 2.67 -11.39 -30.47
C ASN B 197 3.21 -10.28 -29.62
N PRO B 198 2.61 -10.06 -28.45
CA PRO B 198 3.15 -8.99 -27.62
C PRO B 198 4.52 -9.46 -27.13
N MET B 199 5.44 -8.53 -26.90
CA MET B 199 6.77 -8.91 -26.42
C MET B 199 6.80 -8.95 -24.90
N HIS B 200 7.36 -10.02 -24.36
CA HIS B 200 7.48 -10.17 -22.93
C HIS B 200 8.97 -10.14 -22.57
N ARG B 201 9.27 -10.40 -21.31
CA ARG B 201 10.66 -10.37 -20.87
C ARG B 201 11.62 -11.25 -21.68
N ALA B 202 11.19 -12.47 -22.01
CA ALA B 202 12.06 -13.34 -22.77
C ALA B 202 12.49 -12.63 -24.04
N HIS B 203 11.53 -12.08 -24.76
CA HIS B 203 11.81 -11.39 -26.01
C HIS B 203 12.74 -10.21 -25.87
N ARG B 204 12.55 -9.41 -24.83
CA ARG B 204 13.41 -8.26 -24.62
C ARG B 204 14.84 -8.77 -24.46
N GLU B 205 15.02 -9.82 -23.66
CA GLU B 205 16.36 -10.37 -23.45
C GLU B 205 16.90 -10.98 -24.75
N LEU B 206 16.03 -11.70 -25.45
CA LEU B 206 16.40 -12.32 -26.70
C LEU B 206 16.94 -11.26 -27.67
N THR B 207 16.24 -10.14 -27.81
CA THR B 207 16.66 -9.10 -28.73
C THR B 207 17.93 -8.36 -28.30
N VAL B 208 18.12 -8.16 -27.00
CA VAL B 208 19.31 -7.48 -26.53
C VAL B 208 20.52 -8.39 -26.70
N ARG B 209 20.32 -9.67 -26.45
CA ARG B 209 21.41 -10.61 -26.64
C ARG B 209 21.85 -10.52 -28.10
N ALA B 210 20.88 -10.57 -29.01
CA ALA B 210 21.18 -10.50 -30.42
C ALA B 210 21.89 -9.18 -30.72
N ALA B 211 21.44 -8.09 -30.11
CA ALA B 211 22.10 -6.79 -30.34
C ALA B 211 23.57 -6.87 -29.90
N ARG B 212 23.81 -7.53 -28.77
CA ARG B 212 25.15 -7.70 -28.24
C ARG B 212 25.97 -8.65 -29.09
N GLU B 213 25.40 -9.80 -29.45
CA GLU B 213 26.10 -10.77 -30.27
C GLU B 213 26.51 -10.20 -31.63
N ALA B 214 25.57 -9.56 -32.32
CA ALA B 214 25.84 -9.00 -33.63
C ALA B 214 26.50 -7.67 -33.60
N ASN B 215 26.59 -7.05 -32.43
CA ASN B 215 27.19 -5.73 -32.34
C ASN B 215 26.39 -4.83 -33.22
N ALA B 216 25.07 -4.86 -33.04
CA ALA B 216 24.20 -4.09 -33.89
C ALA B 216 23.05 -3.45 -33.12
N LYS B 217 22.43 -2.45 -33.74
CA LYS B 217 21.29 -1.76 -33.17
C LYS B 217 20.08 -2.66 -33.37
N VAL B 218 19.04 -2.42 -32.58
CA VAL B 218 17.82 -3.23 -32.59
C VAL B 218 16.66 -2.61 -33.33
N LEU B 219 16.08 -3.37 -34.24
CA LEU B 219 14.91 -2.92 -34.96
C LEU B 219 13.75 -3.85 -34.60
N ILE B 220 12.76 -3.32 -33.88
CA ILE B 220 11.56 -4.11 -33.55
C ILE B 220 10.71 -3.90 -34.80
N HIS B 221 10.51 -4.95 -35.57
CA HIS B 221 9.77 -4.81 -36.83
C HIS B 221 8.51 -5.70 -36.83
N PRO B 222 7.53 -5.36 -35.99
CA PRO B 222 6.28 -6.13 -35.87
C PRO B 222 5.31 -6.07 -37.04
N VAL B 223 4.62 -7.17 -37.26
CA VAL B 223 3.62 -7.29 -38.32
C VAL B 223 2.28 -6.73 -37.87
N VAL B 224 1.72 -5.81 -38.64
CA VAL B 224 0.44 -5.22 -38.30
C VAL B 224 -0.48 -5.33 -39.51
N GLY B 225 -0.10 -6.25 -40.41
CA GLY B 225 -0.85 -6.50 -41.61
C GLY B 225 -1.90 -7.58 -41.44
N LEU B 226 -1.48 -8.82 -41.29
CA LEU B 226 -2.39 -9.94 -41.11
C LEU B 226 -1.57 -11.08 -40.53
N THR B 227 -2.06 -11.66 -39.45
CA THR B 227 -1.34 -12.72 -38.78
C THR B 227 -2.16 -13.97 -38.52
N LYS B 228 -1.73 -14.76 -37.53
CA LYS B 228 -2.44 -15.99 -37.19
C LYS B 228 -3.82 -15.69 -36.59
N PRO B 229 -4.87 -16.34 -37.12
CA PRO B 229 -6.23 -16.09 -36.58
C PRO B 229 -6.23 -16.24 -35.06
N GLY B 230 -6.94 -15.32 -34.42
CA GLY B 230 -7.03 -15.34 -32.98
C GLY B 230 -5.88 -14.63 -32.28
N ASP B 231 -4.98 -14.01 -33.04
CA ASP B 231 -3.86 -13.28 -32.44
C ASP B 231 -4.38 -12.04 -31.76
N ILE B 232 -3.56 -11.42 -30.91
CA ILE B 232 -3.92 -10.18 -30.26
C ILE B 232 -3.94 -9.12 -31.37
N ASP B 233 -4.94 -8.25 -31.41
CA ASP B 233 -4.99 -7.25 -32.48
C ASP B 233 -3.71 -6.40 -32.47
N HIS B 234 -3.38 -5.83 -33.63
CA HIS B 234 -2.15 -5.05 -33.71
C HIS B 234 -2.17 -3.74 -32.90
N HIS B 235 -3.36 -3.17 -32.70
CA HIS B 235 -3.47 -1.92 -31.94
C HIS B 235 -2.96 -2.14 -30.53
N THR B 236 -3.46 -3.19 -29.89
CA THR B 236 -3.03 -3.55 -28.55
C THR B 236 -1.53 -3.85 -28.60
N ARG B 237 -1.10 -4.70 -29.56
CA ARG B 237 0.33 -5.02 -29.67
C ARG B 237 1.19 -3.78 -29.87
N VAL B 238 0.78 -2.87 -30.76
CA VAL B 238 1.56 -1.65 -30.96
C VAL B 238 1.73 -0.92 -29.61
N ARG B 239 0.67 -0.84 -28.83
CA ARG B 239 0.75 -0.18 -27.51
C ARG B 239 1.74 -0.96 -26.64
N VAL B 240 1.71 -2.28 -26.73
CA VAL B 240 2.65 -3.10 -25.99
C VAL B 240 4.09 -2.81 -26.44
N TYR B 241 4.31 -2.77 -27.76
CA TYR B 241 5.66 -2.51 -28.30
C TYR B 241 6.17 -1.13 -27.88
N GLN B 242 5.35 -0.11 -28.08
CA GLN B 242 5.77 1.23 -27.69
C GLN B 242 6.09 1.29 -26.21
N GLU B 243 5.45 0.44 -25.42
CA GLU B 243 5.70 0.45 -24.00
C GLU B 243 6.99 -0.29 -23.68
N ILE B 244 7.16 -1.48 -24.26
CA ILE B 244 8.36 -2.27 -23.97
C ILE B 244 9.66 -1.70 -24.55
N ILE B 245 9.55 -0.90 -25.61
CA ILE B 245 10.71 -0.29 -26.25
C ILE B 245 11.45 0.63 -25.28
N LYS B 246 10.71 1.12 -24.27
CA LYS B 246 11.28 2.00 -23.26
C LYS B 246 12.21 1.25 -22.29
N ARG B 247 12.16 -0.08 -22.30
CA ARG B 247 12.99 -0.91 -21.41
C ARG B 247 14.35 -1.17 -22.01
N TYR B 248 14.58 -0.61 -23.18
CA TYR B 248 15.84 -0.77 -23.86
C TYR B 248 16.71 0.43 -23.50
N PRO B 249 18.04 0.25 -23.55
CA PRO B 249 18.84 1.43 -23.22
C PRO B 249 18.64 2.52 -24.28
N ASN B 250 18.61 3.75 -23.80
CA ASN B 250 18.40 4.90 -24.64
C ASN B 250 19.18 4.85 -25.95
N GLY B 251 18.44 4.91 -27.04
CA GLY B 251 19.03 4.92 -28.37
C GLY B 251 19.59 3.61 -28.87
N ILE B 252 19.05 2.49 -28.43
CA ILE B 252 19.57 1.23 -28.91
C ILE B 252 18.58 0.54 -29.86
N ALA B 253 17.30 0.92 -29.76
CA ALA B 253 16.25 0.31 -30.56
C ALA B 253 15.40 1.32 -31.28
N PHE B 254 14.82 0.87 -32.39
CA PHE B 254 13.93 1.67 -33.23
C PHE B 254 12.71 0.81 -33.55
N LEU B 255 11.54 1.44 -33.56
CA LEU B 255 10.33 0.70 -33.84
C LEU B 255 9.77 1.09 -35.18
N SER B 256 9.33 0.09 -35.96
CA SER B 256 8.73 0.28 -37.26
C SER B 256 7.74 -0.85 -37.53
N LEU B 257 6.54 -0.44 -37.97
CA LEU B 257 5.43 -1.32 -38.27
C LEU B 257 5.53 -1.81 -39.72
N LEU B 258 5.37 -3.12 -39.89
CA LEU B 258 5.45 -3.81 -41.17
C LEU B 258 4.06 -4.31 -41.54
N PRO B 259 3.46 -3.76 -42.61
CA PRO B 259 2.12 -4.17 -43.04
C PRO B 259 2.13 -5.46 -43.84
N LEU B 260 2.84 -6.45 -43.33
CA LEU B 260 2.94 -7.74 -44.01
C LEU B 260 1.76 -8.62 -43.70
N ALA B 261 1.40 -9.47 -44.65
CA ALA B 261 0.32 -10.43 -44.43
C ALA B 261 1.01 -11.79 -44.32
N MET B 262 1.19 -12.25 -43.10
CA MET B 262 1.83 -13.54 -42.87
C MET B 262 1.02 -14.71 -43.41
N ARG B 263 1.68 -15.85 -43.62
CA ARG B 263 1.02 -17.07 -44.07
C ARG B 263 1.22 -18.13 -42.98
N MET B 264 1.91 -17.76 -41.91
CA MET B 264 2.24 -18.68 -40.82
C MET B 264 2.90 -19.89 -41.46
N SER B 265 3.83 -19.65 -42.40
CA SER B 265 4.48 -20.75 -43.11
C SER B 265 5.86 -21.21 -42.61
N GLY B 266 6.00 -21.29 -41.31
CA GLY B 266 7.24 -21.75 -40.72
C GLY B 266 8.53 -21.46 -41.47
N ASP B 267 9.29 -22.51 -41.74
CA ASP B 267 10.57 -22.35 -42.42
C ASP B 267 10.51 -21.50 -43.70
N ARG B 268 9.60 -21.77 -44.64
CA ARG B 268 9.55 -20.95 -45.85
C ARG B 268 9.34 -19.49 -45.52
N GLU B 269 8.42 -19.21 -44.59
CA GLU B 269 8.17 -17.84 -44.25
C GLU B 269 9.42 -17.19 -43.66
N ALA B 270 10.15 -17.93 -42.83
CA ALA B 270 11.35 -17.37 -42.23
C ALA B 270 12.30 -16.88 -43.34
N VAL B 271 12.42 -17.66 -44.43
CA VAL B 271 13.30 -17.29 -45.55
C VAL B 271 12.73 -16.00 -46.13
N TRP B 272 11.44 -16.01 -46.36
CA TRP B 272 10.75 -14.86 -46.90
C TRP B 272 10.94 -13.62 -46.01
N HIS B 273 10.78 -13.80 -44.71
CA HIS B 273 10.94 -12.71 -43.73
C HIS B 273 12.32 -12.08 -43.80
N ALA B 274 13.33 -12.94 -43.87
CA ALA B 274 14.71 -12.50 -43.96
C ALA B 274 14.91 -11.68 -45.28
N ILE B 275 14.32 -12.14 -46.38
CA ILE B 275 14.44 -11.41 -47.64
C ILE B 275 13.79 -10.05 -47.49
N ILE B 276 12.62 -10.03 -46.84
CA ILE B 276 11.91 -8.79 -46.64
C ILE B 276 12.66 -7.84 -45.73
N ARG B 277 13.20 -8.35 -44.63
CA ARG B 277 13.97 -7.48 -43.74
C ARG B 277 15.24 -6.91 -44.41
N LYS B 278 15.87 -7.70 -45.28
CA LYS B 278 17.03 -7.22 -46.01
C LYS B 278 16.62 -6.02 -46.89
N ASN B 279 15.48 -6.15 -47.60
CA ASN B 279 15.03 -5.03 -48.44
C ASN B 279 14.82 -3.78 -47.59
N TYR B 280 14.33 -3.98 -46.36
CA TYR B 280 14.06 -2.86 -45.46
C TYR B 280 15.28 -2.24 -44.80
N GLY B 281 16.48 -2.70 -45.16
CA GLY B 281 17.67 -2.13 -44.58
C GLY B 281 18.32 -2.85 -43.42
N ALA B 282 17.85 -4.04 -43.05
CA ALA B 282 18.47 -4.76 -41.95
C ALA B 282 19.73 -5.52 -42.39
N SER B 283 20.69 -5.65 -41.49
CA SER B 283 21.93 -6.37 -41.78
C SER B 283 21.90 -7.73 -41.09
N HIS B 284 20.97 -7.89 -40.15
CA HIS B 284 20.81 -9.12 -39.41
C HIS B 284 19.34 -9.37 -39.13
N PHE B 285 18.95 -10.63 -39.06
CA PHE B 285 17.57 -11.03 -38.80
C PHE B 285 17.54 -12.22 -37.85
N ILE B 286 16.75 -12.09 -36.78
CA ILE B 286 16.63 -13.13 -35.76
C ILE B 286 15.69 -14.25 -36.21
N VAL B 287 16.01 -15.49 -35.86
CA VAL B 287 15.14 -16.61 -36.15
C VAL B 287 15.19 -17.53 -34.94
N GLY B 288 14.19 -17.36 -34.07
CA GLY B 288 14.10 -18.16 -32.85
C GLY B 288 13.37 -19.45 -33.06
N ARG B 289 12.80 -19.99 -31.99
CA ARG B 289 12.08 -21.27 -32.03
C ARG B 289 10.73 -21.20 -32.74
N ASP B 290 10.46 -22.17 -33.59
CA ASP B 290 9.20 -22.20 -34.32
C ASP B 290 8.82 -20.86 -34.95
N HIS B 291 9.79 -20.23 -35.62
CA HIS B 291 9.58 -18.94 -36.26
C HIS B 291 8.48 -19.06 -37.31
N ALA B 292 7.51 -18.15 -37.25
CA ALA B 292 6.38 -18.14 -38.19
C ALA B 292 5.62 -19.46 -38.21
N GLY B 293 5.70 -20.22 -37.12
CA GLY B 293 5.00 -21.49 -37.05
C GLY B 293 3.65 -21.37 -36.37
N PRO B 294 2.62 -22.07 -36.86
CA PRO B 294 1.31 -21.98 -36.24
C PRO B 294 1.03 -22.99 -35.12
N GLY B 295 2.08 -23.44 -34.42
CA GLY B 295 1.91 -24.39 -33.34
C GLY B 295 1.55 -25.81 -33.74
N LYS B 296 0.51 -26.37 -33.12
CA LYS B 296 0.04 -27.73 -33.39
C LYS B 296 -1.37 -27.79 -33.96
N ASN B 297 -1.69 -28.87 -34.65
CA ASN B 297 -3.04 -29.06 -35.20
C ASN B 297 -3.93 -29.68 -34.11
N SER B 298 -5.22 -29.82 -34.40
CA SER B 298 -6.16 -30.40 -33.46
C SER B 298 -5.69 -31.74 -32.89
N LYS B 299 -4.89 -32.47 -33.65
CA LYS B 299 -4.39 -33.77 -33.21
C LYS B 299 -3.13 -33.68 -32.35
N GLY B 300 -2.72 -32.45 -32.05
CA GLY B 300 -1.53 -32.24 -31.22
C GLY B 300 -0.15 -32.30 -31.87
N VAL B 301 -0.11 -32.60 -33.16
CA VAL B 301 1.18 -32.67 -33.85
C VAL B 301 1.58 -31.28 -34.36
N ASP B 302 2.88 -31.07 -34.43
CA ASP B 302 3.50 -29.83 -34.88
C ASP B 302 3.33 -29.59 -36.39
N PHE B 303 3.09 -28.34 -36.77
CA PHE B 303 2.97 -28.00 -38.19
C PHE B 303 4.39 -27.99 -38.74
N TYR B 304 5.33 -27.52 -37.91
CA TYR B 304 6.73 -27.49 -38.28
C TYR B 304 7.55 -27.91 -37.06
N GLY B 305 8.79 -28.35 -37.30
CA GLY B 305 9.66 -28.72 -36.21
C GLY B 305 10.02 -27.40 -35.55
N PRO B 306 10.29 -27.39 -34.26
CA PRO B 306 10.64 -26.12 -33.61
C PRO B 306 11.86 -25.44 -34.20
N TYR B 307 12.61 -26.15 -35.04
CA TYR B 307 13.80 -25.55 -35.63
C TYR B 307 13.92 -25.75 -37.12
N ASP B 308 12.81 -26.06 -37.78
CA ASP B 308 12.88 -26.25 -39.21
C ASP B 308 13.28 -24.95 -39.91
N ALA B 309 12.71 -23.83 -39.45
CA ALA B 309 12.99 -22.54 -40.05
C ALA B 309 14.47 -22.22 -39.96
N GLN B 310 15.05 -22.55 -38.82
CA GLN B 310 16.47 -22.30 -38.64
C GLN B 310 17.28 -23.11 -39.62
N GLU B 311 16.90 -24.37 -39.80
CA GLU B 311 17.63 -25.22 -40.73
C GLU B 311 17.49 -24.74 -42.17
N LEU B 312 16.26 -24.39 -42.57
CA LEU B 312 16.04 -23.91 -43.93
C LEU B 312 16.80 -22.61 -44.21
N VAL B 313 16.74 -21.70 -43.26
CA VAL B 313 17.42 -20.41 -43.39
C VAL B 313 18.93 -20.65 -43.45
N GLU B 314 19.41 -21.64 -42.70
CA GLU B 314 20.82 -21.96 -42.67
C GLU B 314 21.28 -22.49 -44.02
N SER B 315 20.43 -23.26 -44.66
CA SER B 315 20.78 -23.83 -45.95
C SER B 315 20.84 -22.80 -47.09
N TYR B 316 20.14 -21.67 -46.95
CA TYR B 316 20.17 -20.64 -47.99
C TYR B 316 21.11 -19.49 -47.59
N LYS B 317 21.77 -19.70 -46.46
CA LYS B 317 22.70 -18.76 -45.86
C LYS B 317 23.61 -17.95 -46.76
N HIS B 318 24.22 -18.60 -47.74
CA HIS B 318 25.16 -17.92 -48.60
C HIS B 318 24.54 -17.08 -49.69
N GLU B 319 23.23 -17.13 -49.83
CA GLU B 319 22.61 -16.30 -50.84
C GLU B 319 21.54 -15.40 -50.27
N LEU B 320 21.35 -15.39 -48.96
CA LEU B 320 20.35 -14.52 -48.36
C LEU B 320 20.97 -13.13 -48.25
N ASP B 321 22.29 -13.10 -48.11
CA ASP B 321 23.00 -11.85 -48.05
C ASP B 321 22.54 -10.94 -46.91
N ILE B 322 22.03 -11.57 -45.85
CA ILE B 322 21.64 -10.88 -44.63
C ILE B 322 21.97 -11.94 -43.58
N GLU B 323 22.73 -11.55 -42.57
CA GLU B 323 23.13 -12.50 -41.54
C GLU B 323 22.00 -12.88 -40.58
N VAL B 324 21.84 -14.19 -40.35
CA VAL B 324 20.79 -14.67 -39.45
C VAL B 324 21.28 -14.97 -38.05
N VAL B 325 20.63 -14.39 -37.05
CA VAL B 325 21.01 -14.66 -35.67
C VAL B 325 20.02 -15.68 -35.11
N PRO B 326 20.41 -16.97 -35.10
CA PRO B 326 19.54 -18.05 -34.58
C PRO B 326 19.49 -18.13 -33.07
N PHE B 327 18.35 -18.54 -32.56
CA PHE B 327 18.14 -18.66 -31.12
C PHE B 327 17.36 -19.92 -30.82
N ARG B 328 17.73 -20.58 -29.74
CA ARG B 328 17.07 -21.80 -29.31
C ARG B 328 16.09 -21.28 -28.27
N MET B 329 15.16 -22.13 -27.86
CA MET B 329 14.17 -21.76 -26.85
C MET B 329 14.74 -20.92 -25.70
N VAL B 330 14.41 -19.64 -25.66
CA VAL B 330 14.91 -18.80 -24.57
C VAL B 330 13.95 -19.04 -23.44
N THR B 331 14.49 -19.41 -22.28
CA THR B 331 13.63 -19.66 -21.13
C THR B 331 14.05 -18.98 -19.82
N TYR B 332 13.18 -19.08 -18.82
CA TYR B 332 13.42 -18.45 -17.53
C TYR B 332 14.15 -19.30 -16.51
N LEU B 333 15.05 -18.65 -15.77
CA LEU B 333 15.82 -19.32 -14.74
C LEU B 333 15.47 -18.77 -13.36
N PRO B 334 14.50 -19.41 -12.67
CA PRO B 334 14.08 -18.98 -11.34
C PRO B 334 15.27 -18.63 -10.46
N ASP B 335 15.91 -19.67 -9.94
CA ASP B 335 17.06 -19.57 -9.05
C ASP B 335 18.12 -18.53 -9.33
N GLU B 336 18.16 -18.00 -10.55
CA GLU B 336 19.16 -16.98 -10.86
C GLU B 336 18.52 -15.69 -11.36
N ASP B 337 17.19 -15.69 -11.47
CA ASP B 337 16.43 -14.54 -11.97
C ASP B 337 17.09 -13.97 -13.22
N ARG B 338 16.89 -14.67 -14.34
CA ARG B 338 17.43 -14.26 -15.61
C ARG B 338 17.00 -15.27 -16.67
N TYR B 339 17.00 -14.84 -17.92
CA TYR B 339 16.60 -15.73 -19.01
C TYR B 339 17.86 -16.17 -19.71
N ALA B 340 17.76 -17.23 -20.49
CA ALA B 340 18.90 -17.73 -21.23
C ALA B 340 18.49 -18.79 -22.23
N PRO B 341 19.27 -18.93 -23.29
CA PRO B 341 18.98 -19.91 -24.32
C PRO B 341 19.05 -21.28 -23.67
N ILE B 342 18.07 -22.12 -23.92
CA ILE B 342 18.04 -23.44 -23.32
C ILE B 342 19.25 -24.25 -23.76
N ASP B 343 19.83 -23.88 -24.91
CA ASP B 343 20.98 -24.60 -25.43
C ASP B 343 22.24 -24.42 -24.59
N GLN B 344 22.23 -23.43 -23.70
CA GLN B 344 23.40 -23.23 -22.87
C GLN B 344 23.16 -23.37 -21.36
N ILE B 345 22.37 -24.37 -20.98
CA ILE B 345 22.05 -24.68 -19.58
C ILE B 345 21.55 -26.12 -19.34
N ASP B 346 20.40 -26.21 -18.66
CA ASP B 346 19.75 -27.47 -18.31
C ASP B 346 20.60 -28.43 -17.47
N THR B 347 20.84 -29.63 -18.01
CA THR B 347 21.63 -30.67 -17.35
C THR B 347 20.96 -31.00 -16.02
N THR B 348 19.70 -30.59 -15.88
CA THR B 348 18.94 -30.79 -14.65
C THR B 348 19.57 -29.95 -13.54
N LYS B 349 20.86 -29.68 -13.67
CA LYS B 349 21.60 -28.88 -12.70
C LYS B 349 20.89 -27.54 -12.51
N THR B 350 20.15 -27.12 -13.53
CA THR B 350 19.42 -25.86 -13.47
C THR B 350 17.94 -26.06 -13.78
N ARG B 351 17.09 -25.42 -12.97
CA ARG B 351 15.64 -25.49 -13.11
C ARG B 351 15.12 -24.28 -13.90
N THR B 352 14.32 -24.56 -14.92
CA THR B 352 13.75 -23.50 -15.76
C THR B 352 12.28 -23.22 -15.47
N LEU B 353 11.70 -22.30 -16.24
CA LEU B 353 10.30 -21.93 -16.12
C LEU B 353 9.83 -21.33 -17.45
N ASN B 354 8.64 -21.73 -17.86
CA ASN B 354 8.11 -21.27 -19.14
C ASN B 354 6.57 -21.16 -19.17
N ILE B 355 6.05 -19.94 -19.28
CA ILE B 355 4.60 -19.70 -19.36
C ILE B 355 4.16 -19.64 -20.83
N SER B 356 3.74 -20.75 -21.40
CA SER B 356 3.32 -20.74 -22.80
C SER B 356 2.17 -19.74 -23.02
N GLY B 357 2.05 -19.25 -24.25
CA GLY B 357 0.98 -18.31 -24.58
C GLY B 357 -0.36 -18.93 -24.21
N THR B 358 -0.49 -20.24 -24.42
CA THR B 358 -1.71 -20.93 -24.06
C THR B 358 -2.07 -20.47 -22.66
N GLU B 359 -1.36 -21.00 -21.67
CA GLU B 359 -1.61 -20.65 -20.27
C GLU B 359 -1.66 -19.14 -20.01
N LEU B 360 -1.06 -18.35 -20.89
CA LEU B 360 -1.08 -16.90 -20.73
C LEU B 360 -2.51 -16.38 -20.97
N ARG B 361 -3.17 -16.92 -21.99
CA ARG B 361 -4.55 -16.56 -22.28
C ARG B 361 -5.38 -16.96 -21.06
N ARG B 362 -5.14 -18.17 -20.58
CA ARG B 362 -5.85 -18.71 -19.43
C ARG B 362 -5.95 -17.74 -18.25
N ARG B 363 -4.83 -17.17 -17.83
CA ARG B 363 -4.86 -16.22 -16.72
C ARG B 363 -5.56 -14.93 -17.11
N LEU B 364 -5.37 -14.53 -18.37
CA LEU B 364 -5.97 -13.31 -18.89
C LEU B 364 -7.49 -13.46 -18.90
N ARG B 365 -7.92 -14.68 -19.14
CA ARG B 365 -9.34 -14.99 -19.19
C ARG B 365 -9.89 -15.28 -17.78
N VAL B 366 -8.99 -15.54 -16.84
CA VAL B 366 -9.41 -15.83 -15.48
C VAL B 366 -8.94 -14.81 -14.45
N GLY B 367 -8.49 -13.65 -14.91
CA GLY B 367 -8.02 -12.61 -13.99
C GLY B 367 -6.85 -13.03 -13.13
N GLY B 368 -6.20 -14.12 -13.52
CA GLY B 368 -5.07 -14.63 -12.77
C GLY B 368 -3.89 -13.67 -12.77
N GLU B 369 -3.06 -13.77 -11.75
CA GLU B 369 -1.89 -12.89 -11.66
C GLU B 369 -0.78 -13.45 -12.54
N ILE B 370 -0.24 -12.58 -13.40
CA ILE B 370 0.83 -12.97 -14.32
C ILE B 370 2.19 -12.50 -13.80
N PRO B 371 3.04 -13.46 -13.43
CA PRO B 371 4.41 -13.35 -12.89
C PRO B 371 5.17 -12.07 -13.22
N GLU B 372 5.81 -11.51 -12.20
CA GLU B 372 6.60 -10.30 -12.40
C GLU B 372 7.76 -10.60 -13.34
N TRP B 373 8.30 -11.82 -13.25
CA TRP B 373 9.42 -12.22 -14.09
C TRP B 373 9.03 -12.46 -15.54
N PHE B 374 7.80 -12.93 -15.77
CA PHE B 374 7.32 -13.21 -17.12
C PHE B 374 7.19 -12.01 -18.05
N SER B 375 6.50 -10.98 -17.60
CA SER B 375 6.33 -9.82 -18.44
C SER B 375 6.30 -8.58 -17.59
N TYR B 376 6.58 -7.42 -18.19
CA TYR B 376 6.55 -6.17 -17.47
C TYR B 376 5.10 -5.89 -17.12
N PRO B 377 4.85 -5.22 -15.98
CA PRO B 377 3.50 -4.89 -15.52
C PRO B 377 2.71 -4.01 -16.49
N GLU B 378 3.31 -2.91 -16.93
CA GLU B 378 2.65 -2.00 -17.87
C GLU B 378 2.15 -2.74 -19.13
N VAL B 379 2.83 -3.81 -19.49
CA VAL B 379 2.44 -4.62 -20.62
C VAL B 379 1.22 -5.48 -20.27
N VAL B 380 1.29 -6.21 -19.18
CA VAL B 380 0.16 -7.04 -18.78
C VAL B 380 -1.08 -6.17 -18.63
N LYS B 381 -0.89 -4.97 -18.11
CA LYS B 381 -2.00 -4.04 -17.93
C LYS B 381 -2.67 -3.79 -19.29
N ILE B 382 -1.87 -3.47 -20.30
CA ILE B 382 -2.40 -3.22 -21.63
C ILE B 382 -3.13 -4.43 -22.19
N LEU B 383 -2.62 -5.61 -21.87
CA LEU B 383 -3.22 -6.84 -22.37
C LEU B 383 -4.56 -7.12 -21.70
N ARG B 384 -4.59 -7.04 -20.36
CA ARG B 384 -5.81 -7.30 -19.60
C ARG B 384 -6.92 -6.36 -20.07
N GLU B 385 -6.52 -5.13 -20.32
CA GLU B 385 -7.42 -4.10 -20.78
C GLU B 385 -8.03 -4.40 -22.16
N SER B 386 -7.31 -5.12 -23.01
CA SER B 386 -7.81 -5.44 -24.35
C SER B 386 -8.47 -6.79 -24.35
N ASN B 387 -8.07 -7.62 -23.41
CA ASN B 387 -8.62 -8.95 -23.30
C ASN B 387 -8.96 -9.14 -21.83
N PRO B 388 -10.08 -8.56 -21.40
CA PRO B 388 -10.58 -8.63 -20.02
C PRO B 388 -10.89 -10.03 -19.53
N PRO B 389 -10.86 -10.20 -18.21
CA PRO B 389 -11.17 -11.50 -17.64
C PRO B 389 -12.69 -11.74 -17.80
N ARG B 390 -13.13 -12.99 -17.62
CA ARG B 390 -14.53 -13.31 -17.75
C ARG B 390 -15.50 -12.37 -17.05
N PRO B 391 -15.28 -12.05 -15.76
CA PRO B 391 -16.23 -11.15 -15.10
C PRO B 391 -16.51 -9.82 -15.80
N LYS B 392 -15.75 -9.51 -16.85
CA LYS B 392 -15.92 -8.26 -17.63
C LYS B 392 -16.20 -8.57 -19.12
N GLN B 393 -16.34 -9.86 -19.43
CA GLN B 393 -16.63 -10.29 -20.79
C GLN B 393 -18.14 -10.33 -21.08
N GLY B 394 -18.48 -10.25 -22.36
CA GLY B 394 -19.87 -10.30 -22.76
C GLY B 394 -20.23 -11.75 -23.07
N PHE B 395 -21.50 -11.98 -23.37
CA PHE B 395 -21.93 -13.34 -23.66
C PHE B 395 -23.39 -13.31 -24.15
N SER B 396 -23.86 -14.46 -24.62
CA SER B 396 -25.25 -14.60 -25.06
C SER B 396 -25.81 -15.91 -24.59
N ILE B 397 -27.09 -15.88 -24.25
CA ILE B 397 -27.77 -17.09 -23.85
C ILE B 397 -28.86 -17.17 -24.92
N VAL B 398 -28.83 -18.24 -25.69
CA VAL B 398 -29.82 -18.44 -26.74
C VAL B 398 -30.86 -19.44 -26.26
N LEU B 399 -32.13 -19.00 -26.23
CA LEU B 399 -33.20 -19.87 -25.80
C LEU B 399 -33.44 -20.91 -26.88
N GLY B 400 -33.00 -22.14 -26.62
CA GLY B 400 -33.13 -23.24 -27.56
C GLY B 400 -34.50 -23.42 -28.20
N ASN B 401 -34.48 -24.13 -29.33
CA ASN B 401 -35.70 -24.42 -30.06
C ASN B 401 -36.65 -25.33 -29.28
N SER B 402 -36.07 -26.33 -28.63
CA SER B 402 -36.85 -27.27 -27.85
C SER B 402 -37.62 -26.61 -26.72
N LEU B 403 -37.27 -25.38 -26.37
CA LEU B 403 -37.93 -24.69 -25.28
C LEU B 403 -39.45 -24.64 -25.41
N THR B 404 -40.15 -25.08 -24.37
CA THR B 404 -41.60 -25.10 -24.33
C THR B 404 -42.19 -23.96 -23.49
N VAL B 405 -41.40 -23.39 -22.59
CA VAL B 405 -41.90 -22.33 -21.74
C VAL B 405 -42.06 -21.05 -22.52
N SER B 406 -42.71 -20.07 -21.89
CA SER B 406 -42.89 -18.78 -22.53
C SER B 406 -41.53 -18.16 -22.72
N ARG B 407 -41.12 -17.97 -23.97
CA ARG B 407 -39.84 -17.36 -24.21
C ARG B 407 -39.87 -15.92 -23.70
N GLU B 408 -41.01 -15.26 -23.85
CA GLU B 408 -41.11 -13.88 -23.40
C GLU B 408 -40.84 -13.77 -21.90
N GLN B 409 -41.49 -14.65 -21.12
CA GLN B 409 -41.31 -14.61 -19.67
C GLN B 409 -39.96 -15.09 -19.20
N LEU B 410 -39.39 -16.08 -19.89
CA LEU B 410 -38.09 -16.59 -19.49
C LEU B 410 -37.02 -15.56 -19.77
N SER B 411 -37.23 -14.79 -20.83
CA SER B 411 -36.30 -13.74 -21.19
C SER B 411 -36.31 -12.69 -20.08
N ILE B 412 -37.50 -12.20 -19.74
CA ILE B 412 -37.62 -11.18 -18.70
C ILE B 412 -36.98 -11.67 -17.40
N ALA B 413 -37.28 -12.88 -17.01
CA ALA B 413 -36.74 -13.45 -15.79
C ALA B 413 -35.20 -13.41 -15.77
N LEU B 414 -34.57 -13.81 -16.85
CA LEU B 414 -33.12 -13.79 -16.91
C LEU B 414 -32.61 -12.35 -16.83
N LEU B 415 -33.29 -11.42 -17.53
CA LEU B 415 -32.89 -10.02 -17.52
C LEU B 415 -32.93 -9.47 -16.10
N SER B 416 -34.09 -9.57 -15.46
CA SER B 416 -34.22 -9.08 -14.11
C SER B 416 -33.20 -9.75 -13.18
N THR B 417 -32.97 -11.03 -13.42
CA THR B 417 -32.06 -11.73 -12.56
C THR B 417 -30.65 -11.21 -12.70
N PHE B 418 -30.18 -11.08 -13.95
CA PHE B 418 -28.82 -10.58 -14.17
C PHE B 418 -28.69 -9.15 -13.69
N LEU B 419 -29.77 -8.38 -13.83
CA LEU B 419 -29.74 -6.99 -13.42
C LEU B 419 -29.44 -6.78 -11.94
N GLN B 420 -29.86 -7.72 -11.11
CA GLN B 420 -29.62 -7.59 -9.68
C GLN B 420 -28.22 -7.87 -9.23
N PHE B 421 -27.40 -8.44 -10.09
CA PHE B 421 -26.04 -8.77 -9.74
C PHE B 421 -25.12 -7.56 -9.78
N GLY B 422 -25.36 -6.66 -10.75
CA GLY B 422 -24.52 -5.47 -10.89
C GLY B 422 -23.07 -5.84 -11.17
N GLY B 423 -22.28 -4.87 -11.60
CA GLY B 423 -20.90 -5.15 -11.90
C GLY B 423 -20.56 -4.49 -13.23
N GLY B 424 -21.32 -3.46 -13.59
CA GLY B 424 -21.05 -2.75 -14.82
C GLY B 424 -21.43 -3.40 -16.14
N ARG B 425 -21.94 -4.64 -16.15
CA ARG B 425 -22.32 -5.25 -17.41
C ARG B 425 -23.68 -4.76 -17.90
N TYR B 426 -23.81 -4.51 -19.21
CA TYR B 426 -25.05 -4.04 -19.78
C TYR B 426 -25.84 -5.24 -20.35
N TYR B 427 -27.13 -5.31 -20.06
CA TYR B 427 -27.93 -6.45 -20.53
C TYR B 427 -29.03 -6.07 -21.48
N LYS B 428 -29.42 -7.03 -22.33
CA LYS B 428 -30.48 -6.80 -23.31
C LYS B 428 -31.09 -8.07 -23.89
N ILE B 429 -32.42 -8.05 -23.98
CA ILE B 429 -33.17 -9.15 -24.59
C ILE B 429 -32.97 -8.68 -26.02
N PHE B 430 -32.41 -9.54 -26.86
CA PHE B 430 -32.10 -9.18 -28.26
C PHE B 430 -32.86 -10.00 -29.29
N GLU B 431 -33.82 -9.41 -29.97
CA GLU B 431 -34.58 -10.15 -30.97
C GLU B 431 -33.97 -9.92 -32.36
N HIS B 432 -33.47 -10.99 -32.99
CA HIS B 432 -32.83 -10.89 -34.29
C HIS B 432 -33.72 -11.06 -35.52
N ASN B 433 -34.82 -11.81 -35.40
CA ASN B 433 -35.74 -12.00 -36.52
C ASN B 433 -34.99 -12.48 -37.75
N ASN B 434 -34.04 -13.38 -37.53
CA ASN B 434 -33.25 -13.92 -38.62
C ASN B 434 -32.68 -12.91 -39.59
N LYS B 435 -32.68 -11.63 -39.24
CA LYS B 435 -32.15 -10.61 -40.13
C LYS B 435 -30.66 -10.49 -39.90
N THR B 436 -29.87 -10.78 -40.93
CA THR B 436 -28.43 -10.77 -40.77
C THR B 436 -27.92 -9.40 -40.30
N GLU B 437 -28.65 -8.35 -40.61
CA GLU B 437 -28.20 -7.05 -40.15
C GLU B 437 -28.26 -6.95 -38.64
N LEU B 438 -29.05 -7.82 -38.02
CA LEU B 438 -29.12 -7.84 -36.57
C LEU B 438 -28.14 -8.92 -36.07
N LEU B 439 -28.17 -10.08 -36.70
CA LEU B 439 -27.29 -11.16 -36.31
C LEU B 439 -25.83 -10.74 -36.27
N SER B 440 -25.41 -10.00 -37.28
CA SER B 440 -24.04 -9.55 -37.39
C SER B 440 -23.63 -8.62 -36.25
N LEU B 441 -24.62 -8.15 -35.49
CA LEU B 441 -24.33 -7.27 -34.38
C LEU B 441 -24.10 -8.02 -33.06
N ILE B 442 -24.53 -9.28 -33.00
CA ILE B 442 -24.40 -10.07 -31.79
C ILE B 442 -23.01 -10.04 -31.17
N GLN B 443 -21.99 -10.28 -32.01
CA GLN B 443 -20.64 -10.27 -31.52
C GLN B 443 -20.12 -8.86 -31.17
N ASP B 444 -20.77 -7.84 -31.72
CA ASP B 444 -20.38 -6.47 -31.40
C ASP B 444 -20.67 -6.19 -29.93
N PHE B 445 -21.86 -6.59 -29.49
CA PHE B 445 -22.27 -6.40 -28.10
C PHE B 445 -21.38 -7.23 -27.18
N ILE B 446 -21.21 -8.50 -27.51
CA ILE B 446 -20.37 -9.36 -26.71
C ILE B 446 -19.00 -8.70 -26.59
N GLY B 447 -18.51 -8.19 -27.71
CA GLY B 447 -17.23 -7.51 -27.73
C GLY B 447 -17.24 -6.30 -26.80
N SER B 448 -18.39 -5.65 -26.72
CA SER B 448 -18.55 -4.49 -25.88
C SER B 448 -18.77 -4.85 -24.42
N GLY B 449 -18.80 -6.15 -24.14
CA GLY B 449 -18.96 -6.65 -22.78
C GLY B 449 -20.37 -6.91 -22.29
N SER B 450 -21.35 -6.67 -23.16
CA SER B 450 -22.74 -6.83 -22.80
C SER B 450 -23.20 -8.29 -22.77
N GLY B 451 -24.30 -8.51 -22.06
CA GLY B 451 -24.88 -9.84 -21.95
C GLY B 451 -26.16 -9.82 -22.75
N LEU B 452 -26.32 -10.78 -23.65
CA LEU B 452 -27.53 -10.81 -24.44
C LEU B 452 -28.41 -12.03 -24.18
N ILE B 453 -29.72 -11.78 -24.07
CA ILE B 453 -30.68 -12.87 -23.89
C ILE B 453 -31.44 -12.94 -25.22
N ILE B 454 -31.21 -14.02 -25.96
CA ILE B 454 -31.82 -14.21 -27.27
C ILE B 454 -32.91 -15.27 -27.22
N PRO B 455 -34.17 -14.83 -27.29
CA PRO B 455 -35.33 -15.73 -27.24
C PRO B 455 -35.50 -16.83 -28.27
N ASN B 456 -34.81 -16.73 -29.40
CA ASN B 456 -34.94 -17.73 -30.44
C ASN B 456 -33.67 -17.96 -31.19
N GLN B 457 -33.53 -19.16 -31.75
CA GLN B 457 -32.36 -19.48 -32.54
C GLN B 457 -32.53 -18.83 -33.89
N TRP B 458 -31.43 -18.80 -34.64
CA TRP B 458 -31.46 -18.26 -35.98
C TRP B 458 -31.37 -19.47 -36.90
N GLU B 459 -32.01 -19.39 -38.06
CA GLU B 459 -32.01 -20.49 -39.02
C GLU B 459 -30.58 -20.92 -39.36
N ASP B 460 -30.36 -22.24 -39.51
CA ASP B 460 -29.01 -22.76 -39.80
C ASP B 460 -28.31 -22.10 -40.97
N ASP B 461 -29.05 -21.54 -41.91
CA ASP B 461 -28.38 -20.92 -43.05
C ASP B 461 -27.70 -19.62 -42.64
N LYS B 462 -28.09 -19.08 -41.48
CA LYS B 462 -27.51 -17.83 -40.98
C LYS B 462 -26.40 -18.03 -39.94
N ASP B 463 -26.40 -19.20 -39.31
CA ASP B 463 -25.43 -19.51 -38.26
C ASP B 463 -24.03 -18.98 -38.51
N SER B 464 -23.66 -18.84 -39.76
CA SER B 464 -22.33 -18.37 -40.13
C SER B 464 -22.14 -16.88 -39.91
N VAL B 465 -23.24 -16.14 -39.85
CA VAL B 465 -23.16 -14.69 -39.66
C VAL B 465 -22.82 -14.31 -38.23
N VAL B 466 -22.96 -15.26 -37.32
CA VAL B 466 -22.73 -15.03 -35.90
C VAL B 466 -21.48 -15.72 -35.38
N GLY B 467 -20.65 -14.96 -34.67
CA GLY B 467 -19.44 -15.54 -34.10
C GLY B 467 -19.76 -16.39 -32.89
N LYS B 468 -19.39 -17.67 -32.95
CA LYS B 468 -19.65 -18.62 -31.87
C LYS B 468 -19.16 -18.21 -30.47
N GLN B 469 -18.23 -17.26 -30.44
CA GLN B 469 -17.62 -16.76 -29.21
C GLN B 469 -18.53 -16.29 -28.04
N ASN B 470 -18.44 -16.98 -26.90
CA ASN B 470 -19.23 -16.63 -25.73
C ASN B 470 -20.73 -16.68 -25.98
N VAL B 471 -21.15 -17.55 -26.88
CA VAL B 471 -22.56 -17.71 -27.21
C VAL B 471 -22.99 -19.10 -26.72
N TYR B 472 -23.86 -19.14 -25.70
CA TYR B 472 -24.29 -20.41 -25.17
C TYR B 472 -25.71 -20.79 -25.54
N LEU B 473 -25.93 -22.07 -25.78
CA LEU B 473 -27.25 -22.60 -26.13
C LEU B 473 -27.90 -23.28 -24.92
N LEU B 474 -29.09 -22.80 -24.56
CA LEU B 474 -29.86 -23.33 -23.44
C LEU B 474 -30.88 -24.22 -24.10
N ASP B 475 -30.80 -25.50 -23.85
CA ASP B 475 -31.72 -26.42 -24.50
C ASP B 475 -31.69 -27.83 -23.91
N THR B 476 -32.63 -28.66 -24.32
CA THR B 476 -32.70 -30.03 -23.80
C THR B 476 -31.75 -30.95 -24.52
N SER B 477 -31.37 -30.51 -25.71
CA SER B 477 -30.44 -31.25 -26.55
C SER B 477 -29.12 -31.53 -25.84
N SER B 478 -28.41 -32.55 -26.33
CA SER B 478 -27.14 -32.92 -25.73
C SER B 478 -26.08 -31.93 -26.20
N SER B 479 -26.36 -31.27 -27.31
CA SER B 479 -25.40 -30.31 -27.85
C SER B 479 -25.63 -28.92 -27.28
N ALA B 480 -26.46 -28.83 -26.24
CA ALA B 480 -26.74 -27.55 -25.60
C ALA B 480 -25.61 -27.29 -24.59
N ASP B 481 -25.13 -26.04 -24.52
CA ASP B 481 -24.06 -25.71 -23.61
C ASP B 481 -24.60 -25.76 -22.18
N ILE B 482 -25.89 -25.42 -22.04
CA ILE B 482 -26.58 -25.45 -20.77
C ILE B 482 -27.76 -26.36 -21.00
N GLN B 483 -27.65 -27.60 -20.55
CA GLN B 483 -28.70 -28.59 -20.77
C GLN B 483 -29.87 -28.59 -19.81
N LEU B 484 -31.07 -28.52 -20.37
CA LEU B 484 -32.30 -28.53 -19.59
C LEU B 484 -32.83 -29.93 -19.37
N GLU B 485 -33.48 -30.13 -18.22
CA GLU B 485 -34.06 -31.40 -17.81
C GLU B 485 -35.17 -31.78 -18.79
N SER B 486 -36.09 -30.85 -19.01
CA SER B 486 -37.22 -31.05 -19.90
C SER B 486 -37.49 -29.73 -20.60
N ALA B 487 -38.20 -29.76 -21.71
CA ALA B 487 -38.48 -28.53 -22.44
C ALA B 487 -39.40 -27.59 -21.69
N ASP B 488 -40.11 -28.10 -20.69
CA ASP B 488 -41.04 -27.28 -19.94
C ASP B 488 -40.61 -27.09 -18.49
N GLU B 489 -39.32 -27.15 -18.24
CA GLU B 489 -38.80 -26.96 -16.89
C GLU B 489 -39.26 -25.60 -16.41
N PRO B 490 -39.72 -25.50 -15.16
CA PRO B 490 -40.16 -24.17 -14.70
C PRO B 490 -39.07 -23.09 -14.71
N ILE B 491 -39.45 -21.87 -15.08
CA ILE B 491 -38.54 -20.74 -15.18
C ILE B 491 -37.49 -20.56 -14.06
N SER B 492 -37.91 -20.53 -12.80
CA SER B 492 -36.93 -20.34 -11.74
C SER B 492 -35.88 -21.43 -11.81
N HIS B 493 -36.26 -22.60 -12.28
CA HIS B 493 -35.30 -23.69 -12.36
C HIS B 493 -34.32 -23.43 -13.46
N ILE B 494 -34.84 -23.01 -14.60
CA ILE B 494 -34.00 -22.70 -15.76
C ILE B 494 -33.08 -21.53 -15.44
N VAL B 495 -33.62 -20.54 -14.75
CA VAL B 495 -32.87 -19.38 -14.35
C VAL B 495 -31.69 -19.76 -13.45
N GLN B 496 -31.92 -20.61 -12.45
CA GLN B 496 -30.86 -20.97 -11.54
C GLN B 496 -29.79 -21.70 -12.34
N LYS B 497 -30.23 -22.55 -13.27
CA LYS B 497 -29.30 -23.29 -14.10
C LYS B 497 -28.42 -22.34 -14.92
N VAL B 498 -29.02 -21.34 -15.56
CA VAL B 498 -28.25 -20.40 -16.35
C VAL B 498 -27.31 -19.55 -15.47
N VAL B 499 -27.79 -19.10 -14.31
CA VAL B 499 -26.96 -18.29 -13.44
C VAL B 499 -25.76 -19.06 -12.94
N LEU B 500 -25.99 -20.29 -12.47
CA LEU B 500 -24.89 -21.06 -11.93
C LEU B 500 -23.88 -21.47 -12.98
N PHE B 501 -24.36 -21.66 -14.20
CA PHE B 501 -23.48 -22.02 -15.31
C PHE B 501 -22.58 -20.84 -15.60
N LEU B 502 -23.15 -19.65 -15.71
CA LEU B 502 -22.37 -18.46 -15.97
C LEU B 502 -21.42 -18.17 -14.80
N GLU B 503 -21.86 -18.48 -13.57
CA GLU B 503 -21.03 -18.23 -12.41
C GLU B 503 -19.87 -19.19 -12.52
N ASP B 504 -20.16 -20.45 -12.84
CA ASP B 504 -19.12 -21.44 -12.97
C ASP B 504 -18.08 -21.07 -14.05
N ASN B 505 -18.51 -20.37 -15.10
CA ASN B 505 -17.56 -19.97 -16.15
C ASN B 505 -16.98 -18.59 -15.97
N GLY B 506 -17.08 -18.08 -14.73
CA GLY B 506 -16.50 -16.81 -14.38
C GLY B 506 -17.16 -15.52 -14.80
N PHE B 507 -18.26 -15.56 -15.52
CA PHE B 507 -18.89 -14.31 -15.93
C PHE B 507 -19.44 -13.49 -14.77
N PHE B 508 -19.77 -14.19 -13.68
CA PHE B 508 -20.30 -13.58 -12.46
C PHE B 508 -19.42 -13.98 -11.31
N VAL B 509 -19.16 -13.03 -10.43
CA VAL B 509 -18.35 -13.26 -9.25
C VAL B 509 -19.04 -12.54 -8.13
N PHE B 510 -19.31 -13.27 -7.06
CA PHE B 510 -19.99 -12.68 -5.92
C PHE B 510 -19.07 -12.67 -4.72
CD CD C . 6.67 1.33 37.13
CD CD D . 6.84 6.63 44.65
CD CD E . 29.52 -3.14 57.87
CD CD F . 25.30 3.48 30.44
CD CD G . 33.95 21.30 26.92
CA CA H . -6.22 15.12 58.52
NA NA I . 3.30 -8.12 53.37
CA CA J . -3.31 31.43 30.42
CA CA K . -45.92 0.92 33.25
MG MG L . 15.68 2.60 43.06
NA NA M . 2.23 35.80 38.07
NA NA N . 29.55 27.12 40.40
CD CD O . 13.93 35.76 53.72
NA NA P . -5.22 31.89 55.09
NA NA Q . 25.99 30.70 29.17
NA NA R . -25.14 12.77 20.72
CL LCO S . 0.38 13.95 26.02
O1 LCO S . 0.92 14.89 25.05
O2 LCO S . -0.42 12.98 25.30
O3 LCO S . -0.50 14.64 26.97
P1 POP T . 1.61 21.09 22.92
O1 POP T . 0.72 19.92 22.66
O2 POP T . 2.82 21.06 22.07
O3 POP T . 0.87 22.38 22.75
O POP T . 2.09 20.98 24.46
P2 POP T . 3.38 21.40 25.29
O4 POP T . 3.79 20.28 26.14
O5 POP T . 3.03 22.42 26.33
O6 POP T . 4.35 22.00 24.37
C TRS U . 2.94 8.26 37.48
C1 TRS U . 4.22 9.08 37.28
C2 TRS U . 2.31 8.72 38.82
C3 TRS U . 3.13 6.75 37.67
N TRS U . 2.26 8.54 36.23
O1 TRS U . 5.36 8.24 37.29
O2 TRS U . 1.38 9.80 38.61
O3 TRS U . 3.13 6.11 36.36
C ACY V . 28.93 -3.77 55.08
O ACY V . 28.28 -3.45 56.15
OXT ACY V . 30.17 -3.73 54.92
CH3 ACY V . 28.04 -4.21 53.88
C ACY W . 35.19 18.93 25.88
O ACY W . 33.91 18.88 25.75
OXT ACY W . 35.86 19.90 26.33
CH3 ACY W . 35.95 17.64 25.43
C ACY X . -41.04 3.42 25.40
O ACY X . -39.77 3.18 25.33
OXT ACY X . -41.69 4.12 24.61
CH3 ACY X . -41.81 2.76 26.59
C ACY Y . 26.75 3.67 35.73
O ACY Y . 26.50 2.45 35.38
OXT ACY Y . 26.04 4.63 35.49
CH3 ACY Y . 28.06 3.92 36.56
C ACY Z . 25.88 3.00 27.65
O ACY Z . 26.68 3.65 28.46
OXT ACY Z . 24.90 2.29 27.95
CH3 ACY Z . 26.19 3.15 26.13
C ACY AA . 34.77 23.65 27.71
O ACY AA . 33.55 23.34 27.97
OXT ACY AA . 35.73 22.84 27.60
CH3 ACY AA . 35.06 25.16 27.48
C ACY BA . 4.85 -0.12 38.76
O ACY BA . 4.23 0.97 38.48
OXT ACY BA . 6.05 -0.36 38.58
CH3 ACY BA . 3.99 -1.23 39.39
C ACY CA . 16.36 35.18 53.40
O ACY CA . 15.41 34.59 54.06
OXT ACY CA . 17.58 35.08 53.62
CH3 ACY CA . 15.93 36.11 52.24
CD CD DA . -5.49 -0.77 -37.59
CD CD EA . -4.35 -5.89 -45.15
CD CD FA . 2.39 13.29 -64.92
CD CD GA . 12.07 9.51 -38.13
CD CD HA . 29.85 0.47 -38.24
CA CA IA . -12.69 -22.71 -54.63
NA NA JA . -18.58 2.23 -50.89
CA CA KA . 6.53 -29.94 -30.14
CA CA LA . -43.32 -31.78 -18.23
MG MG MA . -0.43 2.75 -46.25
NA NA NA . 11.75 -30.94 -38.87
NA NA OA . 28.15 -11.47 -37.92
NA NA PA . 25.50 -12.70 -51.40
NA NA QA . 24.77 -6.80 -50.13
NA NA RA . -17.35 -26.50 -14.13
CL LCO SA . 0.46 -13.58 -26.37
O1 LCO SA . 1.85 -13.70 -25.89
O2 LCO SA . -0.36 -13.07 -25.29
O3 LCO SA . -0.06 -14.88 -26.77
SB ADX TA . 6.16 19.85 33.17
O1B ADX TA . 6.67 21.23 33.02
O2B ADX TA . 5.09 19.72 34.37
O3B ADX TA . 7.24 18.85 33.38
PA ADX TA . 5.73 19.06 30.48
O1A ADX TA . 6.08 17.63 30.58
O2A ADX TA . 4.53 19.32 29.64
O3A ADX TA . 5.37 19.54 31.91
O5' ADX TA . 6.98 19.91 29.94
C5' ADX TA . 8.28 19.80 30.53
C4' ADX TA . 9.14 21.01 30.12
O4' ADX TA . 8.89 21.37 28.75
C3' ADX TA . 8.85 22.27 30.92
O3' ADX TA . 10.00 23.08 31.12
C2' ADX TA . 7.89 23.03 30.07
O2' ADX TA . 7.76 24.42 30.43
C1' ADX TA . 8.49 22.76 28.72
N9 ADX TA . 7.57 22.95 27.58
C8 ADX TA . 6.67 22.08 27.17
N7 ADX TA . 6.04 22.56 26.11
C5 ADX TA . 6.53 23.74 25.83
C6 ADX TA . 6.30 24.72 24.86
N6 ADX TA . 5.38 24.54 23.89
N1 ADX TA . 7.02 25.87 24.88
C2 ADX TA . 7.97 26.10 25.81
N3 ADX TA . 8.19 25.17 26.74
C4 ADX TA . 7.51 24.00 26.79
SB ADX UA . 6.37 -15.32 -34.98
O1B ADX UA . 5.18 -15.89 -35.71
O2B ADX UA . 6.61 -13.74 -35.31
O3B ADX UA . 7.60 -16.09 -35.30
PA ADX UA . 6.39 -14.57 -32.20
O1A ADX UA . 5.74 -13.26 -32.36
O2A ADX UA . 5.85 -15.30 -31.04
O3A ADX UA . 6.10 -15.43 -33.46
O5' ADX UA . 8.01 -14.43 -32.11
C5' ADX UA . 8.76 -13.73 -33.11
C4' ADX UA . 10.22 -14.13 -33.03
O4' ADX UA . 10.58 -14.42 -31.68
C3' ADX UA . 10.55 -15.41 -33.79
O3' ADX UA . 11.89 -15.39 -34.35
C2' ADX UA . 10.45 -16.50 -32.74
O2' ADX UA . 11.06 -17.76 -33.07
C1' ADX UA . 11.10 -15.76 -31.61
N9 ADX UA . 10.87 -16.30 -30.25
C8 ADX UA . 9.79 -16.07 -29.50
N7 ADX UA . 9.94 -16.67 -28.33
C5 ADX UA . 11.10 -17.31 -28.32
C6 ADX UA . 11.84 -18.09 -27.39
N6 ADX UA . 11.34 -18.35 -26.15
N1 ADX UA . 13.07 -18.59 -27.73
C2 ADX UA . 13.61 -18.35 -28.94
N3 ADX UA . 12.92 -17.59 -29.84
C4 ADX UA . 11.70 -17.06 -29.57
P1 POP VA . 7.73 -17.26 -26.55
O1 POP VA . 8.04 -18.54 -27.26
O2 POP VA . 7.01 -16.31 -27.44
O3 POP VA . 8.96 -16.62 -25.98
O POP VA . 6.75 -17.63 -25.35
P2 POP VA . 6.73 -17.42 -23.78
O4 POP VA . 5.35 -17.16 -23.42
O5 POP VA . 6.97 -18.71 -23.08
O6 POP VA . 7.81 -16.52 -23.33
C TRS WA . -4.34 -8.32 -37.22
C1 TRS WA . -3.06 -8.17 -38.05
C2 TRS WA . -3.99 -8.77 -35.77
C3 TRS WA . -5.30 -9.38 -37.82
N TRS WA . -5.00 -7.05 -37.37
O1 TRS WA . -2.30 -7.12 -37.59
O2 TRS WA . -2.81 -9.61 -35.73
O3 TRS WA . -4.62 -10.68 -37.86
C ACY XA . 2.50 13.82 -62.01
O ACY XA . 1.82 13.01 -62.70
OXT ACY XA . 3.50 14.46 -62.38
CH3 ACY XA . 2.01 14.01 -60.56
C ACY YA . 29.47 3.15 -37.28
O ACY YA . 28.37 2.55 -36.98
OXT ACY YA . 30.48 2.65 -37.83
CH3 ACY YA . 29.53 4.67 -36.91
C ACY ZA . -35.88 -29.91 -12.34
O ACY ZA . -35.17 -28.86 -12.59
OXT ACY ZA . -35.62 -30.79 -11.49
CH3 ACY ZA . -37.18 -30.05 -13.18
C ACY AB . 11.15 9.37 -42.40
O ACY AB . 10.35 10.24 -41.88
OXT ACY AB . 11.21 8.17 -42.12
CH3 ACY AB . 12.10 9.90 -43.52
C ACY BB . 12.51 10.55 -34.37
O ACY BB . 13.38 9.95 -35.10
OXT ACY BB . 11.27 10.48 -34.49
CH3 ACY BB . 13.08 11.47 -33.24
C ACY CB . 31.18 -1.31 -39.55
O ACY CB . 29.96 -1.66 -39.84
OXT ACY CB . 31.59 -0.15 -39.38
CH3 ACY CB . 32.19 -2.48 -39.39
C ACY DB . -8.12 -1.00 -38.09
O ACY DB . -7.65 -2.12 -37.61
OXT ACY DB . -7.49 0.06 -38.31
CH3 ACY DB . -9.64 -0.97 -38.46
#